data_2VTW
#
_entry.id   2VTW
#
_cell.length_a   235.750
_cell.length_b   235.750
_cell.length_c   61.750
_cell.angle_alpha   90.00
_cell.angle_beta   90.00
_cell.angle_gamma   90.00
#
_symmetry.space_group_name_H-M   'P 41 21 2'
#
loop_
_entity.id
_entity.type
_entity.pdbx_description
1 polymer 'FIBER PROTEIN 2'
2 non-polymer 'SULFATE ION'
3 non-polymer GLYCEROL
4 water water
#
_entity_poly.entity_id   1
_entity_poly.type   'polypeptide(L)'
_entity_poly.pdbx_seq_one_letter_code
;TSSVAAFTSGTIGLSSPTGNFVSSSNNPFNGSYFLQQINTMGMLTTSLYVKVDTTTMGTRPTGAVNENARYFTVWVSSFL
TQCNPSNIGQGTLEPSNISMTSFEPARNPISPPVFNMNQNIPYYASRFGVLESYRPIFTGSLNTGSIDVRMQVTPVLATN
NTTYNLIAFTFQCASAGLFNPTVNGTVAIGPVVHTCPAARAPVTV
;
_entity_poly.pdbx_strand_id   A,B,C,D,E,F
#
# COMPACT_ATOMS: atom_id res chain seq x y z
N THR A 1 19.62 8.18 -31.75
CA THR A 1 20.34 7.02 -31.25
C THR A 1 19.71 6.47 -29.98
N SER A 2 19.66 5.36 -30.16
CA SER A 2 19.18 4.51 -29.06
C SER A 2 20.00 4.69 -27.78
N SER A 3 19.30 4.77 -26.66
CA SER A 3 19.94 4.72 -25.36
C SER A 3 20.15 3.28 -24.91
N VAL A 4 19.74 2.32 -25.74
CA VAL A 4 19.97 0.89 -25.46
C VAL A 4 20.60 0.19 -26.67
N ALA A 5 21.64 -0.61 -26.44
CA ALA A 5 22.33 -1.38 -27.48
C ALA A 5 22.73 -2.76 -26.94
N ALA A 6 22.88 -3.73 -27.84
CA ALA A 6 23.21 -5.14 -27.56
C ALA A 6 24.37 -5.63 -28.41
N PHE A 7 25.24 -6.45 -27.82
CA PHE A 7 26.28 -7.21 -28.55
C PHE A 7 26.18 -8.71 -28.17
N THR A 8 26.33 -9.59 -29.18
CA THR A 8 26.30 -11.05 -29.01
C THR A 8 27.50 -11.65 -29.73
N SER A 9 28.19 -12.56 -29.08
CA SER A 9 29.32 -13.25 -29.68
C SER A 9 29.40 -14.66 -29.13
N GLY A 10 30.01 -15.55 -29.91
CA GLY A 10 30.25 -16.94 -29.48
C GLY A 10 29.19 -17.82 -30.08
N THR A 11 29.09 -19.07 -29.59
CA THR A 11 28.10 -20.04 -30.09
C THR A 11 26.97 -20.30 -29.12
N ILE A 12 25.75 -20.10 -29.62
CA ILE A 12 24.52 -20.31 -28.88
C ILE A 12 24.42 -21.69 -28.20
N GLY A 13 25.08 -22.69 -28.79
CA GLY A 13 25.14 -24.03 -28.20
C GLY A 13 26.50 -24.46 -27.66
N LEU A 14 27.41 -23.51 -27.45
CA LEU A 14 28.66 -23.79 -26.76
C LEU A 14 29.39 -24.97 -27.41
N SER A 15 29.54 -24.83 -28.73
CA SER A 15 29.96 -25.89 -29.64
C SER A 15 31.37 -25.66 -30.24
N SER A 16 31.79 -24.39 -30.40
CA SER A 16 33.08 -24.04 -31.05
C SER A 16 34.11 -23.48 -30.07
N PRO A 17 35.14 -24.27 -29.73
CA PRO A 17 36.14 -23.82 -28.76
C PRO A 17 37.17 -22.81 -29.29
N THR A 18 36.67 -21.66 -29.75
CA THR A 18 37.53 -20.57 -30.28
C THR A 18 38.08 -19.62 -29.20
N GLY A 19 37.65 -19.77 -27.94
CA GLY A 19 38.13 -18.92 -26.85
C GLY A 19 39.47 -19.37 -26.34
N ASN A 20 40.34 -18.40 -26.02
CA ASN A 20 41.66 -18.67 -25.48
CA ASN A 20 41.67 -18.68 -25.48
C ASN A 20 41.67 -18.32 -24.00
N PHE A 21 41.53 -19.33 -23.14
CA PHE A 21 41.46 -19.12 -21.71
C PHE A 21 42.75 -19.61 -21.10
N VAL A 22 43.05 -19.17 -19.89
CA VAL A 22 44.30 -19.55 -19.28
C VAL A 22 44.11 -19.98 -17.82
N SER A 23 44.77 -21.08 -17.45
CA SER A 23 44.71 -21.63 -16.10
C SER A 23 45.65 -20.88 -15.17
N SER A 24 45.43 -20.99 -13.87
CA SER A 24 46.27 -20.30 -12.88
C SER A 24 47.73 -20.74 -12.88
N SER A 25 48.03 -21.82 -13.61
CA SER A 25 49.42 -22.30 -13.77
C SER A 25 50.06 -21.86 -15.09
N ASN A 26 49.39 -20.94 -15.79
CA ASN A 26 49.84 -20.31 -17.03
C ASN A 26 49.76 -21.18 -18.26
N ASN A 27 48.93 -22.21 -18.21
CA ASN A 27 48.70 -23.05 -19.38
C ASN A 27 47.44 -22.58 -20.07
N PRO A 28 47.55 -22.16 -21.34
CA PRO A 28 46.34 -21.85 -22.09
C PRO A 28 45.56 -23.08 -22.47
N PHE A 29 44.31 -22.87 -22.87
CA PHE A 29 43.46 -23.93 -23.34
C PHE A 29 42.32 -23.29 -24.07
N ASN A 30 41.50 -24.11 -24.70
CA ASN A 30 40.41 -23.61 -25.50
C ASN A 30 39.03 -24.01 -24.95
N GLY A 31 38.09 -23.08 -25.01
CA GLY A 31 36.73 -23.32 -24.53
C GLY A 31 35.77 -22.60 -25.42
N SER A 32 34.50 -23.02 -25.40
CA SER A 32 33.43 -22.31 -26.08
C SER A 32 32.81 -21.28 -25.14
N TYR A 33 32.08 -20.34 -25.68
CA TYR A 33 31.46 -19.30 -24.85
C TYR A 33 30.26 -18.75 -25.59
N PHE A 34 29.34 -18.18 -24.82
CA PHE A 34 28.32 -17.36 -25.39
C PHE A 34 28.21 -16.09 -24.53
N LEU A 35 28.39 -14.95 -25.19
CA LEU A 35 28.50 -13.62 -24.57
C LEU A 35 27.38 -12.75 -25.10
N GLN A 36 26.53 -12.23 -24.21
CA GLN A 36 25.43 -11.35 -24.60
C GLN A 36 25.50 -10.16 -23.66
N GLN A 37 25.77 -8.98 -24.22
CA GLN A 37 25.86 -7.72 -23.45
C GLN A 37 24.81 -6.71 -23.88
N ILE A 38 24.35 -5.89 -22.94
CA ILE A 38 23.50 -4.76 -23.24
C ILE A 38 24.09 -3.51 -22.58
N ASN A 39 23.99 -2.36 -23.25
CA ASN A 39 24.35 -1.06 -22.68
C ASN A 39 23.03 -0.34 -22.59
N THR A 40 22.61 -0.02 -21.34
CA THR A 40 21.44 0.77 -21.09
C THR A 40 21.92 2.07 -20.49
N MET A 41 21.96 3.10 -21.32
CA MET A 41 22.23 4.48 -20.92
C MET A 41 23.47 4.61 -20.04
N GLY A 42 24.52 3.87 -20.43
CA GLY A 42 25.81 3.94 -19.75
C GLY A 42 26.08 2.91 -18.66
N MET A 43 25.19 1.94 -18.50
CA MET A 43 25.37 0.79 -17.60
C MET A 43 25.47 -0.49 -18.41
N LEU A 44 26.55 -1.22 -18.21
CA LEU A 44 26.86 -2.42 -18.97
C LEU A 44 26.47 -3.68 -18.20
N THR A 45 25.59 -4.48 -18.80
CA THR A 45 25.22 -5.81 -18.27
C THR A 45 25.75 -6.85 -19.25
N THR A 46 26.55 -7.77 -18.73
CA THR A 46 27.22 -8.81 -19.47
C THR A 46 26.74 -10.19 -18.99
N SER A 47 26.15 -10.98 -19.89
CA SER A 47 25.81 -12.38 -19.62
C SER A 47 26.76 -13.29 -20.38
N LEU A 48 27.42 -14.18 -19.64
CA LEU A 48 28.46 -15.06 -20.17
C LEU A 48 28.26 -16.55 -19.81
N TYR A 49 28.14 -17.42 -20.80
CA TYR A 49 28.28 -18.87 -20.59
C TYR A 49 29.67 -19.34 -21.06
N VAL A 50 30.27 -20.29 -20.33
CA VAL A 50 31.55 -20.90 -20.70
C VAL A 50 31.40 -22.44 -20.64
N LYS A 51 31.92 -23.13 -21.66
CA LYS A 51 32.01 -24.62 -21.62
C LYS A 51 33.41 -25.10 -22.04
N VAL A 52 33.99 -26.03 -21.26
CA VAL A 52 35.30 -26.62 -21.55
C VAL A 52 35.12 -28.15 -21.68
N ASP A 53 35.54 -28.69 -22.82
CA ASP A 53 35.45 -30.13 -23.17
C ASP A 53 36.91 -30.61 -23.18
N THR A 54 37.22 -31.62 -22.38
CA THR A 54 38.60 -32.11 -22.28
C THR A 54 39.13 -32.65 -23.61
N THR A 55 38.21 -33.06 -24.49
CA THR A 55 38.59 -33.57 -25.81
C THR A 55 38.83 -32.46 -26.85
N THR A 56 38.46 -31.21 -26.55
CA THR A 56 38.72 -30.11 -27.50
C THR A 56 39.48 -28.90 -26.90
N MET A 57 39.97 -29.04 -25.67
CA MET A 57 40.60 -27.93 -24.95
C MET A 57 42.12 -27.86 -25.18
N GLY A 58 42.71 -28.96 -25.67
CA GLY A 58 44.13 -29.03 -25.95
C GLY A 58 44.94 -29.70 -24.87
N THR A 59 46.25 -29.53 -24.96
CA THR A 59 47.23 -30.31 -24.19
C THR A 59 47.30 -29.89 -22.75
N ARG A 60 47.12 -30.86 -21.85
CA ARG A 60 47.27 -30.59 -20.44
C ARG A 60 48.60 -31.15 -19.97
N PRO A 61 49.62 -30.28 -19.86
CA PRO A 61 50.87 -30.71 -19.24
C PRO A 61 50.64 -31.49 -17.94
N THR A 62 51.39 -32.57 -17.77
CA THR A 62 51.45 -33.28 -16.50
C THR A 62 52.30 -32.45 -15.53
N GLY A 63 52.37 -32.92 -14.28
CA GLY A 63 53.06 -32.22 -13.21
C GLY A 63 52.05 -31.73 -12.20
N ALA A 64 52.37 -31.87 -10.91
CA ALA A 64 51.47 -31.47 -9.84
C ALA A 64 51.00 -30.02 -10.01
N VAL A 65 51.94 -29.10 -10.14
CA VAL A 65 51.60 -27.67 -10.26
C VAL A 65 50.65 -27.37 -11.43
N ASN A 66 50.73 -28.13 -12.52
CA ASN A 66 49.87 -27.91 -13.68
C ASN A 66 48.49 -28.57 -13.61
N GLU A 67 48.47 -29.79 -13.07
CA GLU A 67 47.24 -30.60 -12.97
C GLU A 67 46.31 -30.15 -11.84
N ASN A 68 46.89 -29.53 -10.81
CA ASN A 68 46.15 -29.13 -9.61
C ASN A 68 45.64 -27.69 -9.62
N ALA A 69 45.75 -27.02 -10.77
CA ALA A 69 45.25 -25.64 -10.92
C ALA A 69 43.73 -25.68 -10.84
N ARG A 70 43.15 -24.81 -10.02
CA ARG A 70 41.68 -24.73 -9.89
C ARG A 70 41.05 -23.47 -10.55
N TYR A 71 41.86 -22.43 -10.82
CA TYR A 71 41.34 -21.16 -11.36
C TYR A 71 41.61 -21.04 -12.84
N PHE A 72 40.74 -20.33 -13.54
CA PHE A 72 41.02 -19.92 -14.90
C PHE A 72 40.31 -18.62 -15.26
N THR A 73 40.91 -17.86 -16.19
CA THR A 73 40.43 -16.51 -16.50
C THR A 73 39.96 -16.43 -17.94
N VAL A 74 38.84 -15.75 -18.11
CA VAL A 74 38.31 -15.37 -19.40
C VAL A 74 38.24 -13.81 -19.43
N TRP A 75 38.78 -13.23 -20.50
CA TRP A 75 38.73 -11.79 -20.74
C TRP A 75 37.61 -11.43 -21.68
N VAL A 76 36.68 -10.58 -21.26
CA VAL A 76 35.69 -10.02 -22.19
C VAL A 76 36.19 -8.65 -22.66
N SER A 77 36.19 -8.48 -23.98
CA SER A 77 36.80 -7.31 -24.63
C SER A 77 35.84 -6.72 -25.60
N SER A 78 35.86 -5.38 -25.66
CA SER A 78 35.20 -4.60 -26.69
C SER A 78 36.21 -4.15 -27.79
N PHE A 79 37.49 -4.46 -27.63
CA PHE A 79 38.56 -4.07 -28.58
C PHE A 79 39.04 -5.37 -29.25
N LEU A 80 38.25 -5.83 -30.20
CA LEU A 80 38.40 -7.18 -30.71
C LEU A 80 39.64 -7.36 -31.57
N THR A 81 40.25 -6.27 -32.04
CA THR A 81 41.57 -6.36 -32.71
C THR A 81 42.71 -5.82 -31.88
N GLN A 82 42.55 -4.65 -31.25
CA GLN A 82 43.64 -4.02 -30.50
C GLN A 82 43.98 -4.67 -29.14
N CYS A 83 42.99 -5.24 -28.45
CA CYS A 83 43.24 -5.85 -27.12
C CYS A 83 42.16 -6.89 -26.77
N ASN A 84 42.47 -8.16 -27.04
CA ASN A 84 41.52 -9.26 -27.02
C ASN A 84 42.22 -10.57 -26.61
N PRO A 85 42.74 -10.63 -25.38
CA PRO A 85 43.57 -11.76 -24.91
C PRO A 85 42.93 -13.15 -25.06
N SER A 86 41.59 -13.21 -25.02
CA SER A 86 40.81 -14.45 -25.01
C SER A 86 40.14 -14.74 -26.34
N ASN A 87 40.25 -13.82 -27.29
CA ASN A 87 39.85 -14.05 -28.67
C ASN A 87 38.35 -14.10 -28.76
N ILE A 88 37.69 -13.14 -28.10
CA ILE A 88 36.28 -12.92 -28.33
C ILE A 88 36.12 -12.61 -29.81
N GLY A 89 35.21 -13.33 -30.47
CA GLY A 89 34.97 -13.18 -31.89
C GLY A 89 34.04 -12.03 -32.22
N GLN A 90 34.06 -11.64 -33.49
CA GLN A 90 33.19 -10.59 -34.01
C GLN A 90 31.83 -11.15 -33.83
N GLY A 91 30.83 -10.30 -33.68
CA GLY A 91 29.53 -10.82 -33.31
C GLY A 91 28.46 -10.10 -34.04
N THR A 92 27.37 -9.82 -33.34
CA THR A 92 26.20 -9.21 -33.93
C THR A 92 25.88 -8.01 -33.04
N LEU A 93 25.72 -6.84 -33.68
CA LEU A 93 25.45 -5.59 -32.99
C LEU A 93 24.00 -5.23 -33.28
N GLU A 94 23.32 -4.66 -32.29
CA GLU A 94 21.95 -4.16 -32.44
C GLU A 94 21.81 -2.85 -31.64
N PRO A 95 21.45 -1.73 -32.31
CA PRO A 95 21.28 -1.56 -33.77
C PRO A 95 22.58 -1.94 -34.49
N SER A 96 22.49 -2.34 -35.76
CA SER A 96 23.65 -2.83 -36.51
C SER A 96 24.72 -1.78 -36.79
N ASN A 97 24.33 -0.50 -36.77
CA ASN A 97 25.29 0.61 -36.90
C ASN A 97 25.89 1.12 -35.58
N ILE A 98 25.72 0.34 -34.49
CA ILE A 98 26.24 0.75 -33.19
C ILE A 98 27.74 0.43 -33.10
N SER A 99 28.50 1.36 -32.50
CA SER A 99 29.92 1.17 -32.27
C SER A 99 30.19 0.17 -31.14
N MET A 100 31.24 -0.64 -31.33
CA MET A 100 31.71 -1.55 -30.29
C MET A 100 32.16 -0.80 -29.04
N THR A 101 32.47 0.50 -29.20
CA THR A 101 32.82 1.35 -28.07
C THR A 101 31.66 1.51 -27.10
N SER A 102 30.45 1.12 -27.52
CA SER A 102 29.31 1.12 -26.64
C SER A 102 29.40 0.01 -25.57
N PHE A 103 30.36 -0.91 -25.70
CA PHE A 103 30.51 -2.02 -24.76
C PHE A 103 31.81 -1.99 -23.98
N GLU A 104 32.54 -0.89 -24.10
CA GLU A 104 33.72 -0.67 -23.31
C GLU A 104 33.27 -0.31 -21.89
N PRO A 105 33.83 -1.03 -20.90
CA PRO A 105 33.54 -0.67 -19.51
C PRO A 105 34.29 0.58 -19.09
N ALA A 106 33.69 1.38 -18.20
CA ALA A 106 34.36 2.55 -17.66
C ALA A 106 35.63 2.18 -16.94
N ARG A 107 36.57 3.13 -16.87
CA ARG A 107 37.78 2.96 -16.10
C ARG A 107 37.34 2.60 -14.70
N ASN A 108 38.04 1.65 -14.10
CA ASN A 108 37.77 1.19 -12.75
C ASN A 108 38.53 2.06 -11.73
N PRO A 109 37.82 2.92 -11.00
CA PRO A 109 38.51 3.84 -10.10
C PRO A 109 39.14 3.25 -8.84
N ILE A 110 38.90 1.99 -8.51
CA ILE A 110 39.61 1.37 -7.41
C ILE A 110 41.05 1.00 -7.84
N SER A 111 41.34 1.08 -9.14
CA SER A 111 42.73 1.00 -9.69
C SER A 111 43.38 -0.32 -9.39
N PRO A 112 42.80 -1.40 -9.92
CA PRO A 112 43.38 -2.74 -9.73
C PRO A 112 44.72 -2.88 -10.47
N PRO A 113 45.52 -3.92 -10.16
CA PRO A 113 46.76 -4.14 -10.92
C PRO A 113 46.60 -4.26 -12.44
N VAL A 114 47.50 -3.63 -13.19
CA VAL A 114 47.47 -3.69 -14.65
C VAL A 114 47.79 -5.12 -15.10
N PHE A 115 47.11 -5.57 -16.13
CA PHE A 115 47.48 -6.81 -16.81
C PHE A 115 48.48 -6.44 -17.94
N ASN A 116 49.75 -6.72 -17.70
CA ASN A 116 50.79 -6.35 -18.67
C ASN A 116 51.02 -7.46 -19.68
N MET A 117 50.46 -7.26 -20.88
CA MET A 117 50.63 -8.20 -21.98
C MET A 117 52.05 -8.24 -22.58
N ASN A 118 52.90 -7.28 -22.19
CA ASN A 118 54.28 -7.22 -22.64
C ASN A 118 55.22 -8.16 -21.91
N GLN A 119 54.78 -8.82 -20.84
CA GLN A 119 55.70 -9.67 -20.10
C GLN A 119 55.39 -11.14 -20.30
N ASN A 120 54.50 -11.42 -21.25
CA ASN A 120 54.08 -12.80 -21.59
C ASN A 120 53.96 -13.79 -20.39
N ILE A 121 53.25 -13.33 -19.35
CA ILE A 121 52.64 -14.19 -18.33
C ILE A 121 51.16 -14.15 -18.76
N PRO A 122 50.64 -15.23 -19.34
CA PRO A 122 49.31 -15.11 -19.93
C PRO A 122 48.13 -15.23 -18.93
N TYR A 123 48.39 -15.65 -17.69
CA TYR A 123 47.35 -15.69 -16.66
C TYR A 123 47.30 -14.44 -15.77
N TYR A 124 46.11 -13.82 -15.75
CA TYR A 124 45.82 -12.76 -14.80
C TYR A 124 44.69 -13.22 -13.84
N ALA A 125 44.93 -13.12 -12.53
CA ALA A 125 43.93 -13.43 -11.48
C ALA A 125 43.06 -12.21 -11.19
N SER A 126 41.82 -12.24 -11.67
CA SER A 126 40.77 -11.31 -11.25
C SER A 126 40.59 -11.40 -9.74
N ARG A 127 40.74 -10.29 -9.02
CA ARG A 127 40.69 -10.31 -7.55
C ARG A 127 39.80 -9.27 -6.83
N PHE A 128 39.47 -8.16 -7.50
CA PHE A 128 38.88 -7.01 -6.80
C PHE A 128 37.57 -6.64 -7.47
N GLY A 129 36.48 -6.90 -6.77
CA GLY A 129 35.15 -6.78 -7.33
C GLY A 129 34.28 -7.86 -6.69
N VAL A 130 33.11 -8.07 -7.28
CA VAL A 130 32.13 -8.98 -6.72
C VAL A 130 32.57 -10.42 -6.98
N LEU A 131 32.25 -11.31 -6.03
CA LEU A 131 32.43 -12.75 -6.18
C LEU A 131 31.05 -13.40 -6.17
N GLU A 132 30.68 -14.06 -7.27
CA GLU A 132 29.40 -14.72 -7.38
C GLU A 132 29.58 -16.24 -7.37
N SER A 133 28.64 -16.97 -6.77
CA SER A 133 28.75 -18.42 -6.62
C SER A 133 27.87 -19.16 -7.60
N TYR A 134 28.45 -20.10 -8.35
CA TYR A 134 27.67 -20.91 -9.32
C TYR A 134 27.91 -22.39 -9.10
N ARG A 135 26.94 -23.16 -9.50
CA ARG A 135 27.16 -24.58 -9.69
C ARG A 135 27.05 -24.88 -11.18
N PRO A 136 28.12 -25.46 -11.75
CA PRO A 136 28.09 -25.87 -13.14
C PRO A 136 27.52 -27.27 -13.35
N ILE A 137 27.37 -27.63 -14.62
CA ILE A 137 26.91 -28.94 -15.07
C ILE A 137 28.12 -29.74 -15.61
N PHE A 138 28.22 -31.03 -15.26
CA PHE A 138 29.26 -31.91 -15.79
C PHE A 138 28.71 -33.02 -16.67
N THR A 139 29.62 -33.57 -17.47
CA THR A 139 29.51 -34.90 -18.05
C THR A 139 30.88 -35.61 -17.86
N GLY A 140 30.90 -36.92 -18.04
CA GLY A 140 32.12 -37.70 -17.84
C GLY A 140 32.50 -37.79 -16.37
N SER A 141 33.78 -38.01 -16.10
CA SER A 141 34.29 -38.07 -14.74
C SER A 141 34.73 -36.72 -14.19
N LEU A 142 34.71 -35.67 -15.01
CA LEU A 142 35.09 -34.31 -14.54
C LEU A 142 34.13 -33.84 -13.45
N ASN A 143 34.68 -33.39 -12.32
CA ASN A 143 33.92 -32.83 -11.20
C ASN A 143 34.70 -31.70 -10.54
N THR A 144 34.44 -30.49 -10.99
CA THR A 144 35.06 -29.27 -10.43
C THR A 144 34.44 -28.81 -9.09
N GLY A 145 33.31 -29.40 -8.72
CA GLY A 145 32.50 -28.84 -7.64
C GLY A 145 31.86 -27.51 -8.09
N SER A 146 31.43 -26.70 -7.13
CA SER A 146 30.94 -25.35 -7.42
C SER A 146 32.11 -24.44 -7.83
N ILE A 147 31.77 -23.37 -8.55
CA ILE A 147 32.74 -22.44 -9.12
C ILE A 147 32.27 -21.03 -8.74
N ASP A 148 33.10 -20.30 -8.02
CA ASP A 148 32.85 -18.88 -7.79
C ASP A 148 33.54 -18.13 -8.91
N VAL A 149 32.93 -17.03 -9.35
CA VAL A 149 33.54 -16.16 -10.34
C VAL A 149 33.79 -14.76 -9.77
N ARG A 150 35.06 -14.35 -9.75
CA ARG A 150 35.45 -12.96 -9.46
C ARG A 150 35.41 -12.13 -10.75
N MET A 151 34.78 -10.95 -10.69
CA MET A 151 34.63 -10.12 -11.87
C MET A 151 35.24 -8.72 -11.61
N GLN A 152 36.18 -8.32 -12.48
CA GLN A 152 37.00 -7.15 -12.24
C GLN A 152 37.30 -6.43 -13.57
N VAL A 153 36.75 -5.24 -13.73
CA VAL A 153 37.17 -4.37 -14.83
C VAL A 153 38.64 -3.96 -14.56
N THR A 154 39.49 -4.17 -15.56
CA THR A 154 40.94 -4.13 -15.38
C THR A 154 41.59 -3.39 -16.56
N PRO A 155 42.57 -2.52 -16.28
CA PRO A 155 43.36 -1.93 -17.38
C PRO A 155 44.38 -2.92 -17.94
N VAL A 156 44.36 -3.15 -19.25
CA VAL A 156 45.28 -4.12 -19.88
C VAL A 156 46.34 -3.39 -20.72
N LEU A 157 47.62 -3.55 -20.38
CA LEU A 157 48.69 -2.87 -21.12
C LEU A 157 49.06 -3.73 -22.34
N ALA A 158 48.60 -3.28 -23.50
CA ALA A 158 48.86 -3.91 -24.78
C ALA A 158 50.34 -3.72 -25.19
N THR A 159 50.75 -4.40 -26.26
CA THR A 159 52.14 -4.28 -26.74
C THR A 159 52.45 -2.91 -27.31
N ASN A 160 51.42 -2.19 -27.77
CA ASN A 160 51.54 -0.78 -28.17
C ASN A 160 51.71 0.26 -27.04
N ASN A 161 51.94 -0.22 -25.81
CA ASN A 161 52.17 0.63 -24.63
C ASN A 161 50.99 1.50 -24.18
N THR A 162 49.81 1.17 -24.69
CA THR A 162 48.58 1.80 -24.24
C THR A 162 47.72 0.78 -23.44
N THR A 163 47.00 1.32 -22.49
CA THR A 163 46.15 0.55 -21.58
C THR A 163 44.73 0.58 -22.15
N TYR A 164 44.08 -0.59 -22.17
CA TYR A 164 42.67 -0.72 -22.54
C TYR A 164 41.89 -1.37 -21.36
N ASN A 165 40.67 -0.90 -21.13
CA ASN A 165 39.84 -1.43 -20.04
C ASN A 165 38.94 -2.59 -20.53
N LEU A 166 39.21 -3.77 -19.97
CA LEU A 166 38.47 -5.00 -20.24
C LEU A 166 37.90 -5.56 -18.92
N ILE A 167 37.02 -6.55 -19.03
CA ILE A 167 36.51 -7.30 -17.86
C ILE A 167 37.19 -8.68 -17.72
N ALA A 168 37.89 -8.91 -16.62
CA ALA A 168 38.45 -10.21 -16.30
C ALA A 168 37.43 -11.01 -15.45
N PHE A 169 37.13 -12.23 -15.88
CA PHE A 169 36.31 -13.19 -15.14
C PHE A 169 37.22 -14.33 -14.74
N THR A 170 37.47 -14.50 -13.44
CA THR A 170 38.25 -15.64 -12.99
C THR A 170 37.35 -16.66 -12.31
N PHE A 171 37.31 -17.85 -12.90
CA PHE A 171 36.49 -18.97 -12.45
C PHE A 171 37.27 -19.76 -11.44
N GLN A 172 36.76 -19.86 -10.23
CA GLN A 172 37.48 -20.46 -9.13
C GLN A 172 36.78 -21.78 -8.72
N CYS A 173 37.31 -22.89 -9.26
CA CYS A 173 36.77 -24.25 -8.99
C CYS A 173 37.05 -24.70 -7.57
N ALA A 174 36.06 -25.33 -6.95
CA ALA A 174 36.23 -25.86 -5.57
C ALA A 174 37.21 -27.04 -5.54
N SER A 175 37.21 -27.83 -6.63
CA SER A 175 38.03 -29.05 -6.78
C SER A 175 38.88 -29.04 -8.03
N ALA A 176 40.06 -29.64 -7.92
CA ALA A 176 40.96 -29.84 -9.07
C ALA A 176 40.39 -30.90 -10.03
N GLY A 177 40.64 -30.75 -11.32
CA GLY A 177 40.25 -31.78 -12.27
C GLY A 177 40.24 -31.39 -13.74
N LEU A 178 39.82 -30.15 -14.02
CA LEU A 178 39.74 -29.65 -15.38
C LEU A 178 41.08 -29.73 -16.12
N PHE A 179 42.18 -29.64 -15.37
CA PHE A 179 43.53 -29.56 -15.95
C PHE A 179 44.40 -30.80 -15.67
N ASN A 180 43.79 -31.83 -15.12
CA ASN A 180 44.43 -33.13 -14.92
C ASN A 180 44.11 -34.01 -16.12
N PRO A 181 45.16 -34.41 -16.89
CA PRO A 181 44.97 -35.11 -18.17
C PRO A 181 44.32 -36.50 -18.06
N THR A 182 44.25 -37.07 -16.86
CA THR A 182 43.59 -38.37 -16.68
C THR A 182 42.07 -38.23 -16.46
N VAL A 183 41.61 -37.00 -16.19
CA VAL A 183 40.18 -36.70 -15.98
C VAL A 183 39.55 -36.21 -17.26
N ASN A 184 38.40 -36.77 -17.62
CA ASN A 184 37.76 -36.44 -18.88
C ASN A 184 36.29 -36.07 -18.74
N GLY A 185 35.77 -35.39 -19.75
CA GLY A 185 34.38 -34.98 -19.78
C GLY A 185 34.28 -33.50 -20.03
N THR A 186 33.16 -32.91 -19.61
CA THR A 186 32.84 -31.49 -19.86
C THR A 186 32.32 -30.79 -18.59
N VAL A 187 32.51 -29.46 -18.57
CA VAL A 187 31.97 -28.57 -17.53
C VAL A 187 31.42 -27.36 -18.26
N ALA A 188 30.20 -26.98 -17.91
CA ALA A 188 29.51 -25.86 -18.52
C ALA A 188 28.90 -25.01 -17.39
N ILE A 189 29.06 -23.69 -17.53
CA ILE A 189 28.76 -22.76 -16.45
C ILE A 189 28.07 -21.56 -17.02
N GLY A 190 27.06 -21.09 -16.27
CA GLY A 190 26.37 -19.85 -16.57
C GLY A 190 24.87 -19.94 -16.39
N PRO A 191 24.16 -18.85 -16.70
CA PRO A 191 24.73 -17.56 -17.16
C PRO A 191 25.42 -16.81 -16.01
N VAL A 192 26.64 -16.36 -16.26
CA VAL A 192 27.36 -15.54 -15.30
C VAL A 192 27.07 -14.11 -15.66
N VAL A 193 26.38 -13.36 -14.79
CA VAL A 193 25.92 -12.02 -15.15
C VAL A 193 26.69 -11.01 -14.34
N HIS A 194 27.28 -10.04 -15.03
CA HIS A 194 28.07 -8.97 -14.44
C HIS A 194 27.46 -7.66 -14.82
N THR A 195 27.39 -6.72 -13.87
CA THR A 195 26.98 -5.35 -14.17
C THR A 195 28.08 -4.37 -13.74
N CYS A 196 28.32 -3.39 -14.60
CA CYS A 196 29.28 -2.32 -14.30
C CYS A 196 28.94 -1.10 -15.15
N PRO A 197 29.44 0.07 -14.73
CA PRO A 197 29.37 1.24 -15.56
C PRO A 197 30.13 1.08 -16.86
N ALA A 198 29.49 1.52 -17.93
CA ALA A 198 30.08 1.64 -19.26
C ALA A 198 30.79 2.98 -19.36
N ALA A 199 31.84 3.05 -20.18
CA ALA A 199 32.54 4.32 -20.52
C ALA A 199 31.60 5.37 -21.08
N ARG A 200 30.58 4.96 -21.81
CA ARG A 200 29.66 5.94 -22.41
C ARG A 200 28.31 5.32 -22.70
N ALA A 201 27.27 6.13 -22.90
CA ALA A 201 26.00 5.67 -23.44
C ALA A 201 26.25 5.18 -24.88
N PRO A 202 25.32 4.40 -25.44
CA PRO A 202 25.59 3.86 -26.79
C PRO A 202 25.81 4.95 -27.89
N VAL A 203 26.82 4.75 -28.73
CA VAL A 203 27.13 5.64 -29.88
C VAL A 203 27.21 4.85 -31.18
N THR A 204 26.66 5.44 -32.24
CA THR A 204 26.78 4.88 -33.61
C THR A 204 28.18 5.05 -34.18
N VAL A 205 28.52 4.20 -35.14
CA VAL A 205 29.79 4.29 -35.86
C VAL A 205 29.76 5.51 -36.77
N THR B 1 -17.41 23.82 -15.39
CA THR B 1 -16.71 23.56 -14.14
C THR B 1 -17.40 22.46 -13.33
N SER B 2 -16.83 21.63 -13.03
CA SER B 2 -17.42 20.45 -12.38
C SER B 2 -18.16 20.88 -11.12
N SER B 3 -19.33 20.30 -10.88
CA SER B 3 -20.03 20.54 -9.61
C SER B 3 -19.59 19.57 -8.50
N VAL B 4 -18.69 18.63 -8.84
CA VAL B 4 -18.03 17.73 -7.89
C VAL B 4 -16.51 17.94 -7.94
N ALA B 5 -15.90 18.04 -6.77
CA ALA B 5 -14.43 18.13 -6.65
C ALA B 5 -13.92 17.28 -5.44
N ALA B 6 -12.66 16.85 -5.53
CA ALA B 6 -12.00 16.06 -4.48
C ALA B 6 -10.65 16.64 -4.04
N PHE B 7 -10.34 16.45 -2.76
CA PHE B 7 -9.05 16.81 -2.19
C PHE B 7 -8.55 15.62 -1.37
N THR B 8 -7.26 15.29 -1.53
CA THR B 8 -6.62 14.19 -0.78
C THR B 8 -5.31 14.68 -0.17
N SER B 9 -5.13 14.41 1.11
CA SER B 9 -3.92 14.77 1.81
C SER B 9 -3.53 13.68 2.85
N GLY B 10 -2.25 13.66 3.20
CA GLY B 10 -1.69 12.66 4.11
C GLY B 10 -1.20 11.44 3.34
N THR B 11 -1.15 10.29 4.01
CA THR B 11 -0.64 9.07 3.39
C THR B 11 -1.53 7.91 3.77
N ILE B 12 -1.82 7.04 2.81
CA ILE B 12 -2.62 5.84 3.05
C ILE B 12 -1.87 4.88 4.00
N GLY B 13 -0.56 5.01 4.04
CA GLY B 13 0.28 4.22 4.93
C GLY B 13 0.15 4.53 6.43
N LEU B 14 -0.38 5.71 6.77
CA LEU B 14 -0.49 6.17 8.13
C LEU B 14 0.83 5.99 8.90
N SER B 15 1.95 6.31 8.24
CA SER B 15 3.26 6.23 8.93
C SER B 15 4.17 7.41 8.57
N SER B 16 3.56 8.60 8.39
CA SER B 16 4.22 9.89 8.26
C SER B 16 3.59 10.88 9.24
N PRO B 17 4.10 10.94 10.47
CA PRO B 17 3.42 11.71 11.51
C PRO B 17 3.63 13.25 11.42
N THR B 18 3.18 13.84 10.31
CA THR B 18 3.30 15.28 10.07
C THR B 18 2.19 16.13 10.71
N GLY B 19 1.13 15.47 11.17
CA GLY B 19 0.06 16.14 11.88
C GLY B 19 0.49 16.66 13.25
N ASN B 20 0.12 17.91 13.54
CA ASN B 20 0.33 18.53 14.86
C ASN B 20 -1.02 18.50 15.61
N PHE B 21 -1.18 17.49 16.44
CA PHE B 21 -2.38 17.29 17.20
C PHE B 21 -2.04 17.66 18.63
N VAL B 22 -3.07 17.86 19.45
CA VAL B 22 -2.91 18.37 20.80
C VAL B 22 -3.87 17.69 21.76
N SER B 23 -3.31 17.21 22.88
CA SER B 23 -4.10 16.61 23.91
C SER B 23 -4.81 17.65 24.71
N SER B 24 -5.83 17.25 25.46
CA SER B 24 -6.59 18.15 26.33
C SER B 24 -5.78 18.76 27.47
N SER B 25 -4.58 18.24 27.71
CA SER B 25 -3.64 18.89 28.62
C SER B 25 -2.67 19.85 27.92
N ASN B 26 -3.03 20.27 26.70
CA ASN B 26 -2.24 21.26 25.92
C ASN B 26 -0.84 20.79 25.57
N ASN B 27 -0.69 19.48 25.42
CA ASN B 27 0.57 18.91 24.90
C ASN B 27 0.45 18.54 23.43
N PRO B 28 1.19 19.23 22.56
CA PRO B 28 1.28 18.88 21.15
C PRO B 28 1.97 17.55 20.94
N PHE B 29 1.60 16.86 19.88
CA PHE B 29 2.22 15.59 19.53
C PHE B 29 2.08 15.35 18.05
N ASN B 30 2.89 14.44 17.52
CA ASN B 30 2.86 14.13 16.10
C ASN B 30 2.00 12.90 15.82
N GLY B 31 1.14 13.06 14.80
CA GLY B 31 0.26 11.98 14.36
C GLY B 31 0.13 11.88 12.85
N SER B 32 -0.22 10.69 12.38
CA SER B 32 -0.41 10.45 10.97
C SER B 32 -1.89 10.56 10.64
N TYR B 33 -2.17 10.90 9.39
CA TYR B 33 -3.55 11.03 8.95
C TYR B 33 -3.69 10.74 7.44
N PHE B 34 -4.91 10.44 7.04
CA PHE B 34 -5.24 10.37 5.62
C PHE B 34 -6.59 11.00 5.50
N LEU B 35 -6.63 12.04 4.66
CA LEU B 35 -7.76 12.96 4.54
C LEU B 35 -8.25 12.87 3.12
N GLN B 36 -9.50 12.46 2.97
CA GLN B 36 -10.17 12.48 1.66
C GLN B 36 -11.47 13.28 1.73
N GLN B 37 -11.57 14.35 0.93
CA GLN B 37 -12.77 15.17 0.91
C GLN B 37 -13.35 15.29 -0.47
N ILE B 38 -14.67 15.44 -0.55
CA ILE B 38 -15.36 15.72 -1.79
C ILE B 38 -16.31 16.89 -1.51
N ASN B 39 -16.42 17.79 -2.49
CA ASN B 39 -17.46 18.83 -2.49
C ASN B 39 -18.43 18.44 -3.59
N THR B 40 -19.66 18.12 -3.20
CA THR B 40 -20.76 17.88 -4.14
C THR B 40 -21.74 19.05 -4.08
N MET B 41 -21.66 19.93 -5.07
CA MET B 41 -22.55 21.10 -5.22
C MET B 41 -22.78 21.88 -3.92
N GLY B 42 -21.70 22.11 -3.18
CA GLY B 42 -21.77 22.86 -1.91
C GLY B 42 -21.98 22.08 -0.62
N MET B 43 -21.93 20.75 -0.69
CA MET B 43 -21.97 19.90 0.50
C MET B 43 -20.59 19.24 0.65
N LEU B 44 -20.00 19.37 1.84
CA LEU B 44 -18.64 18.85 2.08
C LEU B 44 -18.69 17.55 2.87
N THR B 45 -18.12 16.51 2.27
CA THR B 45 -18.00 15.24 2.93
C THR B 45 -16.50 15.02 3.16
N THR B 46 -16.15 14.76 4.41
CA THR B 46 -14.75 14.56 4.82
C THR B 46 -14.59 13.18 5.43
N SER B 47 -13.68 12.38 4.86
CA SER B 47 -13.25 11.10 5.42
C SER B 47 -11.85 11.25 6.02
N LEU B 48 -11.72 10.95 7.31
CA LEU B 48 -10.46 11.11 8.04
C LEU B 48 -10.02 9.83 8.77
N TYR B 49 -8.80 9.38 8.49
CA TYR B 49 -8.14 8.38 9.30
C TYR B 49 -7.06 9.06 10.09
N VAL B 50 -6.91 8.65 11.33
CA VAL B 50 -5.83 9.13 12.22
C VAL B 50 -5.13 7.92 12.80
N LYS B 51 -3.81 7.99 12.87
CA LYS B 51 -3.01 6.96 13.55
C LYS B 51 -1.93 7.65 14.41
N VAL B 52 -1.75 7.15 15.65
CA VAL B 52 -0.70 7.67 16.53
C VAL B 52 0.17 6.47 16.97
N ASP B 53 1.48 6.65 16.82
CA ASP B 53 2.50 5.68 17.22
C ASP B 53 3.30 6.30 18.37
N THR B 54 3.29 5.65 19.53
CA THR B 54 3.94 6.24 20.70
C THR B 54 5.41 6.54 20.46
N THR B 55 6.05 5.77 19.58
CA THR B 55 7.47 5.91 19.34
C THR B 55 7.81 7.07 18.43
N THR B 56 6.82 7.64 17.73
CA THR B 56 7.08 8.78 16.86
C THR B 56 6.33 10.04 17.23
N MET B 57 5.46 9.96 18.25
CA MET B 57 4.53 11.05 18.59
C MET B 57 5.23 12.19 19.34
N GLY B 58 6.42 11.89 19.84
CA GLY B 58 7.14 12.81 20.69
C GLY B 58 7.07 12.52 22.17
N THR B 59 7.90 13.26 22.90
CA THR B 59 8.05 13.04 24.32
C THR B 59 6.71 13.31 24.95
N ARG B 60 6.32 12.44 25.88
CA ARG B 60 5.11 12.61 26.65
C ARG B 60 5.50 12.95 28.09
N PRO B 61 5.25 14.20 28.54
CA PRO B 61 5.67 14.53 29.93
C PRO B 61 4.95 13.74 31.00
N THR B 62 5.59 13.65 32.16
CA THR B 62 4.97 12.96 33.28
C THR B 62 4.04 13.89 34.10
N GLY B 63 3.32 13.31 35.04
CA GLY B 63 2.36 14.03 35.89
C GLY B 63 0.94 13.62 35.56
N ALA B 64 0.12 13.47 36.61
CA ALA B 64 -1.25 13.01 36.46
C ALA B 64 -2.01 13.87 35.49
N VAL B 65 -1.81 15.18 35.54
CA VAL B 65 -2.56 16.04 34.65
C VAL B 65 -2.24 15.72 33.18
N ASN B 66 -0.97 15.50 32.88
CA ASN B 66 -0.54 15.18 31.50
C ASN B 66 -0.93 13.77 31.02
N GLU B 67 -0.66 12.78 31.85
CA GLU B 67 -0.77 11.36 31.50
C GLU B 67 -2.17 10.82 31.50
N ASN B 68 -3.06 11.44 32.28
CA ASN B 68 -4.45 10.99 32.40
C ASN B 68 -5.37 11.56 31.31
N ALA B 69 -4.85 12.46 30.46
CA ALA B 69 -5.60 13.04 29.30
C ALA B 69 -6.19 11.95 28.41
N ARG B 70 -7.48 12.06 28.11
CA ARG B 70 -8.16 11.12 27.22
C ARG B 70 -8.64 11.70 25.92
N TYR B 71 -8.58 13.01 25.77
CA TYR B 71 -9.13 13.67 24.60
C TYR B 71 -7.96 14.30 23.81
N PHE B 72 -8.12 14.37 22.50
CA PHE B 72 -7.20 15.13 21.64
C PHE B 72 -7.92 15.70 20.41
N THR B 73 -7.36 16.75 19.84
CA THR B 73 -8.00 17.46 18.75
C THR B 73 -7.14 17.48 17.52
N VAL B 74 -7.82 17.26 16.39
CA VAL B 74 -7.28 17.37 15.06
C VAL B 74 -8.09 18.41 14.30
N TRP B 75 -7.39 19.33 13.65
CA TRP B 75 -7.99 20.42 12.84
C TRP B 75 -7.80 20.14 11.36
N VAL B 76 -8.91 20.08 10.63
CA VAL B 76 -8.88 19.98 9.19
C VAL B 76 -9.09 21.38 8.62
N SER B 77 -8.16 21.76 7.76
CA SER B 77 -8.08 23.13 7.21
C SER B 77 -8.03 23.11 5.68
N SER B 78 -8.66 24.11 5.05
CA SER B 78 -8.52 24.40 3.60
C SER B 78 -7.58 25.56 3.38
N PHE B 79 -7.05 26.15 4.45
CA PHE B 79 -6.18 27.33 4.37
C PHE B 79 -4.77 26.89 4.75
N LEU B 80 -4.10 26.20 3.85
CA LEU B 80 -2.94 25.42 4.21
C LEU B 80 -1.74 26.25 4.70
N THR B 81 -1.65 27.50 4.26
CA THR B 81 -0.56 28.37 4.70
C THR B 81 -0.99 29.39 5.76
N GLN B 82 -2.22 29.92 5.69
CA GLN B 82 -2.67 31.00 6.60
C GLN B 82 -3.29 30.60 7.94
N CYS B 83 -3.93 29.44 7.98
CA CYS B 83 -4.58 28.98 9.20
C CYS B 83 -4.71 27.44 9.15
N ASN B 84 -3.67 26.80 9.65
CA ASN B 84 -3.49 25.36 9.55
C ASN B 84 -2.87 24.77 10.84
N PRO B 85 -3.59 24.84 11.97
CA PRO B 85 -3.13 24.42 13.30
C PRO B 85 -2.52 23.00 13.35
N SER B 86 -3.10 22.05 12.61
CA SER B 86 -2.67 20.66 12.64
C SER B 86 -1.71 20.27 11.51
N ASN B 87 -1.30 21.25 10.71
CA ASN B 87 -0.32 21.00 9.65
C ASN B 87 -0.81 19.98 8.59
N ILE B 88 -2.04 20.17 8.12
CA ILE B 88 -2.53 19.40 6.97
C ILE B 88 -1.63 19.75 5.78
N GLY B 89 -1.11 18.73 5.10
CA GLY B 89 -0.16 18.97 4.01
C GLY B 89 -0.79 19.29 2.68
N GLN B 90 -0.01 19.89 1.79
CA GLN B 90 -0.45 20.03 0.41
C GLN B 90 -0.79 18.63 -0.07
N GLY B 91 -1.83 18.51 -0.87
CA GLY B 91 -2.23 17.18 -1.36
C GLY B 91 -2.57 17.18 -2.83
N THR B 92 -3.55 16.36 -3.20
CA THR B 92 -3.97 16.22 -4.58
C THR B 92 -5.38 16.75 -4.79
N LEU B 93 -5.54 17.55 -5.84
CA LEU B 93 -6.82 18.15 -6.18
C LEU B 93 -7.36 17.54 -7.45
N GLU B 94 -8.67 17.33 -7.48
CA GLU B 94 -9.38 16.82 -8.67
C GLU B 94 -10.70 17.52 -8.89
N PRO B 95 -10.90 18.14 -10.09
CA PRO B 95 -9.94 18.34 -11.16
C PRO B 95 -8.73 19.09 -10.67
N SER B 96 -7.63 19.00 -11.39
CA SER B 96 -6.37 19.57 -10.91
C SER B 96 -6.34 21.10 -10.85
N ASN B 97 -7.29 21.78 -11.50
CA ASN B 97 -7.34 23.25 -11.47
C ASN B 97 -8.41 23.78 -10.53
N ILE B 98 -8.96 22.90 -9.71
CA ILE B 98 -9.89 23.30 -8.70
C ILE B 98 -9.15 24.02 -7.57
N SER B 99 -9.84 24.96 -6.95
CA SER B 99 -9.29 25.77 -5.88
C SER B 99 -9.53 25.14 -4.54
N MET B 100 -8.56 25.29 -3.64
CA MET B 100 -8.70 24.84 -2.24
C MET B 100 -9.87 25.47 -1.54
N THR B 101 -10.33 26.62 -2.04
CA THR B 101 -11.46 27.30 -1.43
C THR B 101 -12.75 26.48 -1.62
N SER B 102 -12.74 25.54 -2.56
CA SER B 102 -13.80 24.55 -2.73
C SER B 102 -13.99 23.61 -1.54
N PHE B 103 -13.01 23.57 -0.61
CA PHE B 103 -13.09 22.71 0.59
C PHE B 103 -13.22 23.46 1.91
N GLU B 104 -13.46 24.77 1.82
CA GLU B 104 -13.75 25.60 3.00
C GLU B 104 -15.14 25.29 3.48
N PRO B 105 -15.30 25.00 4.78
CA PRO B 105 -16.66 24.79 5.26
C PRO B 105 -17.39 26.13 5.39
N ALA B 106 -18.71 26.10 5.29
CA ALA B 106 -19.51 27.31 5.50
C ALA B 106 -19.39 27.72 6.95
N ARG B 107 -19.46 29.03 7.18
CA ARG B 107 -19.56 29.55 8.52
C ARG B 107 -20.64 28.80 9.29
N ASN B 108 -20.33 28.35 10.50
CA ASN B 108 -21.28 27.65 11.35
C ASN B 108 -22.28 28.65 11.98
N PRO B 109 -23.57 28.57 11.60
CA PRO B 109 -24.51 29.56 12.10
C PRO B 109 -24.89 29.39 13.57
N ILE B 110 -24.57 28.26 14.22
CA ILE B 110 -24.87 28.13 15.63
C ILE B 110 -23.82 28.90 16.47
N SER B 111 -22.76 29.41 15.81
CA SER B 111 -21.76 30.33 16.41
C SER B 111 -21.08 29.78 17.68
N PRO B 112 -20.22 28.74 17.52
CA PRO B 112 -19.54 28.16 18.70
C PRO B 112 -18.34 29.00 19.04
N PRO B 113 -17.74 28.79 20.22
CA PRO B 113 -16.57 29.61 20.58
C PRO B 113 -15.42 29.60 19.59
N VAL B 114 -14.81 30.77 19.41
CA VAL B 114 -13.66 30.88 18.53
CA VAL B 114 -13.65 30.93 18.55
C VAL B 114 -12.45 30.17 19.12
N PHE B 115 -11.65 29.57 18.23
CA PHE B 115 -10.39 28.97 18.62
C PHE B 115 -9.35 30.04 18.37
N ASN B 116 -8.90 30.66 19.47
CA ASN B 116 -7.86 31.67 19.42
C ASN B 116 -6.46 31.02 19.39
N MET B 117 -5.77 31.19 18.28
CA MET B 117 -4.42 30.64 18.12
C MET B 117 -3.32 31.52 18.71
N ASN B 118 -3.69 32.68 19.25
CA ASN B 118 -2.70 33.63 19.77
C ASN B 118 -2.64 33.79 21.30
N GLN B 119 -3.13 32.79 22.05
CA GLN B 119 -3.20 32.86 23.51
C GLN B 119 -2.45 31.77 24.24
N ASN B 120 -1.52 31.09 23.55
CA ASN B 120 -0.70 30.00 24.16
C ASN B 120 -1.50 28.86 24.78
N ILE B 121 -2.64 28.55 24.18
CA ILE B 121 -3.51 27.46 24.58
C ILE B 121 -3.76 26.65 23.30
N PRO B 122 -2.86 25.73 22.98
CA PRO B 122 -2.99 25.00 21.69
C PRO B 122 -4.20 24.04 21.56
N TYR B 123 -4.78 23.60 22.67
CA TYR B 123 -5.91 22.67 22.67
C TYR B 123 -7.25 23.39 22.66
N TYR B 124 -8.14 22.89 21.81
CA TYR B 124 -9.52 23.35 21.71
C TYR B 124 -10.40 22.13 21.75
N ALA B 125 -11.42 22.13 22.60
CA ALA B 125 -12.36 21.03 22.72
C ALA B 125 -13.56 21.23 21.78
N SER B 126 -13.68 20.35 20.80
CA SER B 126 -14.84 20.32 19.92
C SER B 126 -16.04 19.86 20.74
N ARG B 127 -17.13 20.65 20.71
CA ARG B 127 -18.28 20.41 21.59
C ARG B 127 -19.65 20.36 20.93
N PHE B 128 -19.84 21.14 19.87
CA PHE B 128 -21.18 21.45 19.35
C PHE B 128 -21.32 20.97 17.91
N GLY B 129 -22.04 19.88 17.75
CA GLY B 129 -22.12 19.17 16.49
C GLY B 129 -22.40 17.71 16.80
N VAL B 130 -22.21 16.86 15.80
CA VAL B 130 -22.54 15.44 15.92
C VAL B 130 -21.45 14.75 16.74
N LEU B 131 -21.86 13.73 17.49
CA LEU B 131 -20.92 12.80 18.14
C LEU B 131 -21.04 11.41 17.50
N GLU B 132 -19.97 10.94 16.85
CA GLU B 132 -19.94 9.59 16.27
C GLU B 132 -19.05 8.66 17.08
N SER B 133 -19.48 7.41 17.19
CA SER B 133 -18.80 6.41 18.00
C SER B 133 -17.96 5.45 17.15
N TYR B 134 -16.71 5.21 17.55
CA TYR B 134 -15.80 4.33 16.83
C TYR B 134 -15.12 3.36 17.77
N ARG B 135 -14.77 2.19 17.26
CA ARG B 135 -13.82 1.35 17.94
C ARG B 135 -12.56 1.38 17.11
N PRO B 136 -11.42 1.81 17.72
CA PRO B 136 -10.18 1.85 17.00
C PRO B 136 -9.44 0.53 17.10
N ILE B 137 -8.32 0.40 16.37
CA ILE B 137 -7.47 -0.77 16.46
C ILE B 137 -6.14 -0.39 17.12
N PHE B 138 -5.66 -1.26 18.01
CA PHE B 138 -4.34 -1.07 18.63
C PHE B 138 -3.30 -2.11 18.30
N THR B 139 -2.05 -1.71 18.58
CA THR B 139 -0.92 -2.62 18.78
C THR B 139 -0.24 -2.21 20.11
N GLY B 140 0.50 -3.14 20.69
CA GLY B 140 1.21 -2.90 21.94
C GLY B 140 0.31 -2.99 23.15
N SER B 141 0.76 -2.43 24.27
CA SER B 141 -0.05 -2.36 25.51
C SER B 141 -1.09 -1.21 25.53
N LEU B 142 -0.94 -0.28 24.60
CA LEU B 142 -1.87 0.82 24.46
C LEU B 142 -3.29 0.34 24.27
N ASN B 143 -4.21 0.86 25.06
CA ASN B 143 -5.62 0.50 24.96
C ASN B 143 -6.46 1.71 25.38
N THR B 144 -6.95 2.43 24.39
CA THR B 144 -7.76 3.64 24.60
C THR B 144 -9.26 3.35 24.82
N GLY B 145 -9.64 2.07 24.72
CA GLY B 145 -11.03 1.67 24.58
C GLY B 145 -11.65 2.30 23.35
N SER B 146 -12.98 2.35 23.30
CA SER B 146 -13.65 2.94 22.16
C SER B 146 -13.44 4.47 22.18
N ILE B 147 -13.51 5.08 21.00
CA ILE B 147 -13.29 6.52 20.84
C ILE B 147 -14.50 7.17 20.16
N ASP B 148 -15.08 8.17 20.81
CA ASP B 148 -16.12 9.00 20.22
C ASP B 148 -15.50 10.23 19.63
N VAL B 149 -16.09 10.76 18.56
CA VAL B 149 -15.51 11.92 17.91
C VAL B 149 -16.59 12.98 17.75
N ARG B 150 -16.30 14.16 18.27
CA ARG B 150 -17.13 15.34 18.11
C ARG B 150 -16.57 16.17 16.97
N MET B 151 -17.45 16.62 16.08
CA MET B 151 -17.06 17.34 14.91
C MET B 151 -17.81 18.66 14.88
N GLN B 152 -17.07 19.75 14.72
CA GLN B 152 -17.62 21.10 14.81
C GLN B 152 -16.88 22.07 13.90
N VAL B 153 -17.57 22.65 12.92
CA VAL B 153 -17.04 23.77 12.16
C VAL B 153 -16.93 24.95 13.13
N THR B 154 -15.78 25.61 13.12
CA THR B 154 -15.40 26.54 14.17
C THR B 154 -14.65 27.72 13.55
N PRO B 155 -14.99 28.96 13.99
CA PRO B 155 -14.14 30.07 13.63
C PRO B 155 -12.79 30.02 14.38
N VAL B 156 -11.72 30.28 13.65
CA VAL B 156 -10.38 30.24 14.20
C VAL B 156 -9.70 31.59 13.98
N LEU B 157 -9.22 32.20 15.07
CA LEU B 157 -8.44 33.44 14.97
C LEU B 157 -6.98 33.06 14.79
N ALA B 158 -6.50 33.30 13.58
CA ALA B 158 -5.21 32.87 13.13
C ALA B 158 -4.15 33.84 13.64
N THR B 159 -2.89 33.48 13.43
CA THR B 159 -1.78 34.26 13.92
C THR B 159 -1.59 35.57 13.15
N ASN B 160 -2.29 35.74 12.02
CA ASN B 160 -2.38 37.02 11.31
C ASN B 160 -3.59 37.85 11.76
N ASN B 161 -4.29 37.38 12.79
CA ASN B 161 -5.51 38.01 13.30
C ASN B 161 -6.68 38.02 12.30
N THR B 162 -6.61 37.19 11.28
CA THR B 162 -7.76 36.96 10.41
C THR B 162 -8.49 35.73 10.92
N THR B 163 -9.83 35.72 10.77
CA THR B 163 -10.64 34.63 11.26
C THR B 163 -11.01 33.73 10.10
N TYR B 164 -10.85 32.42 10.27
CA TYR B 164 -11.12 31.43 9.23
C TYR B 164 -12.02 30.33 9.77
N ASN B 165 -12.79 29.71 8.89
CA ASN B 165 -13.62 28.60 9.32
C ASN B 165 -12.92 27.27 8.97
N LEU B 166 -12.73 26.42 10.01
CA LEU B 166 -12.06 25.10 9.92
C LEU B 166 -12.95 24.07 10.59
N ILE B 167 -12.59 22.78 10.51
CA ILE B 167 -13.35 21.73 11.18
C ILE B 167 -12.52 21.16 12.32
N ALA B 168 -13.06 21.12 13.52
CA ALA B 168 -12.38 20.53 14.65
C ALA B 168 -12.97 19.16 14.91
N PHE B 169 -12.10 18.17 15.04
CA PHE B 169 -12.45 16.81 15.42
C PHE B 169 -11.79 16.57 16.75
N THR B 170 -12.59 16.38 17.79
CA THR B 170 -12.02 15.98 19.06
C THR B 170 -12.37 14.51 19.28
N PHE B 171 -11.29 13.75 19.45
CA PHE B 171 -11.30 12.34 19.72
C PHE B 171 -11.32 12.09 21.21
N GLN B 172 -12.32 11.35 21.68
CA GLN B 172 -12.58 11.16 23.08
C GLN B 172 -12.47 9.70 23.49
N CYS B 173 -11.34 9.33 24.07
CA CYS B 173 -11.05 7.94 24.43
C CYS B 173 -11.74 7.49 25.73
N ALA B 174 -12.12 6.21 25.84
CA ALA B 174 -12.74 5.70 27.10
C ALA B 174 -11.72 5.54 28.22
N SER B 175 -10.48 5.21 27.85
CA SER B 175 -9.40 4.97 28.79
C SER B 175 -8.21 5.89 28.49
N ALA B 176 -7.53 6.33 29.55
CA ALA B 176 -6.20 6.97 29.44
C ALA B 176 -5.16 5.95 29.01
N GLY B 177 -4.02 6.47 28.57
CA GLY B 177 -2.90 5.64 28.11
C GLY B 177 -2.10 6.28 27.02
N LEU B 178 -2.79 6.91 26.08
CA LEU B 178 -2.13 7.51 24.92
C LEU B 178 -1.09 8.55 25.29
N PHE B 179 -1.32 9.29 26.37
CA PHE B 179 -0.41 10.36 26.79
C PHE B 179 0.39 10.01 28.02
N ASN B 180 0.46 8.70 28.32
CA ASN B 180 1.30 8.15 29.36
C ASN B 180 2.64 7.61 28.79
N PRO B 181 3.78 8.20 29.17
CA PRO B 181 5.07 7.74 28.63
C PRO B 181 5.44 6.28 28.91
N THR B 182 4.74 5.60 29.81
CA THR B 182 5.04 4.20 30.10
C THR B 182 4.14 3.24 29.33
N VAL B 183 3.23 3.78 28.51
CA VAL B 183 2.24 2.97 27.76
C VAL B 183 2.58 3.09 26.29
N ASN B 184 2.93 1.96 25.67
CA ASN B 184 3.45 1.95 24.32
C ASN B 184 2.56 1.21 23.33
N GLY B 185 2.59 1.69 22.10
CA GLY B 185 1.97 0.98 20.98
C GLY B 185 1.47 1.94 19.92
N THR B 186 0.45 1.53 19.19
CA THR B 186 -0.18 2.35 18.18
C THR B 186 -1.70 2.34 18.30
N VAL B 187 -2.33 3.41 17.86
CA VAL B 187 -3.80 3.43 17.75
C VAL B 187 -4.20 4.03 16.40
N ALA B 188 -5.10 3.35 15.70
CA ALA B 188 -5.55 3.79 14.37
C ALA B 188 -7.07 3.81 14.37
N ILE B 189 -7.62 4.88 13.83
CA ILE B 189 -9.05 5.11 13.90
C ILE B 189 -9.58 5.58 12.55
N GLY B 190 -10.76 5.06 12.20
CA GLY B 190 -11.50 5.54 11.07
C GLY B 190 -12.12 4.42 10.23
N PRO B 191 -12.70 4.80 9.10
CA PRO B 191 -12.78 6.17 8.56
C PRO B 191 -13.81 6.98 9.37
N VAL B 192 -13.40 8.17 9.81
CA VAL B 192 -14.26 9.11 10.54
C VAL B 192 -14.85 9.99 9.45
N VAL B 193 -16.15 9.91 9.26
CA VAL B 193 -16.79 10.63 8.14
C VAL B 193 -17.72 11.71 8.67
N HIS B 194 -17.51 12.91 8.15
CA HIS B 194 -18.25 14.12 8.55
C HIS B 194 -18.83 14.77 7.31
N THR B 195 -20.09 15.20 7.42
CA THR B 195 -20.72 16.04 6.40
C THR B 195 -21.20 17.41 6.94
N CYS B 196 -20.92 18.45 6.19
CA CYS B 196 -21.36 19.80 6.58
C CYS B 196 -21.46 20.63 5.33
N PRO B 197 -22.23 21.74 5.38
CA PRO B 197 -22.24 22.60 4.20
C PRO B 197 -20.88 23.24 3.87
N ALA B 198 -20.55 23.28 2.59
CA ALA B 198 -19.38 23.97 2.12
C ALA B 198 -19.73 25.46 2.01
N ALA B 199 -18.71 26.32 2.04
CA ALA B 199 -18.84 27.77 1.75
C ALA B 199 -19.38 28.02 0.35
N ARG B 200 -19.01 27.17 -0.62
CA ARG B 200 -19.37 27.38 -2.03
C ARG B 200 -19.40 26.04 -2.78
N ALA B 201 -20.01 26.02 -3.96
CA ALA B 201 -19.87 24.89 -4.88
C ALA B 201 -18.47 24.98 -5.42
N PRO B 202 -17.92 23.89 -5.99
CA PRO B 202 -16.52 23.92 -6.47
C PRO B 202 -16.26 25.04 -7.47
N VAL B 203 -15.07 25.64 -7.36
CA VAL B 203 -14.62 26.70 -8.26
C VAL B 203 -13.20 26.38 -8.67
N THR B 204 -12.83 26.81 -9.88
CA THR B 204 -11.47 26.67 -10.35
C THR B 204 -10.64 27.89 -9.91
N VAL B 205 -9.32 27.77 -10.03
CA VAL B 205 -8.41 28.91 -9.85
C VAL B 205 -8.46 29.77 -11.13
N THR C 1 -29.56 16.06 -18.41
CA THR C 1 -29.74 16.75 -17.14
C THR C 1 -28.60 16.45 -16.18
N SER C 2 -28.46 17.22 -15.33
CA SER C 2 -27.49 17.07 -14.24
C SER C 2 -27.84 15.86 -13.37
N SER C 3 -26.83 15.06 -13.03
CA SER C 3 -27.02 13.94 -12.11
C SER C 3 -26.89 14.40 -10.65
N VAL C 4 -26.56 15.67 -10.45
CA VAL C 4 -26.49 16.31 -9.14
C VAL C 4 -27.39 17.58 -9.10
N ALA C 5 -28.08 17.80 -7.97
CA ALA C 5 -28.96 18.95 -7.80
C ALA C 5 -28.97 19.36 -6.34
N ALA C 6 -29.32 20.63 -6.06
CA ALA C 6 -29.35 21.18 -4.70
C ALA C 6 -30.59 22.06 -4.42
N PHE C 7 -31.07 22.04 -3.17
CA PHE C 7 -32.19 22.85 -2.71
C PHE C 7 -31.76 23.49 -1.39
N THR C 8 -32.03 24.78 -1.24
CA THR C 8 -31.69 25.50 -0.02
C THR C 8 -32.93 26.26 0.41
N SER C 9 -33.29 26.21 1.69
CA SER C 9 -34.44 26.93 2.21
C SER C 9 -34.11 27.42 3.62
N GLY C 10 -34.89 28.41 4.05
CA GLY C 10 -34.76 29.01 5.38
C GLY C 10 -33.76 30.15 5.35
N THR C 11 -33.32 30.57 6.54
CA THR C 11 -32.35 31.66 6.64
C THR C 11 -30.93 31.25 7.08
N ILE C 12 -29.95 31.66 6.28
CA ILE C 12 -28.55 31.34 6.51
C ILE C 12 -28.10 31.61 7.97
N GLY C 13 -28.76 32.56 8.66
CA GLY C 13 -28.42 32.95 10.02
C GLY C 13 -29.49 32.67 11.08
N LEU C 14 -30.37 31.72 10.81
CA LEU C 14 -31.32 31.27 11.83
C LEU C 14 -32.02 32.43 12.56
N SER C 15 -32.52 33.37 11.74
CA SER C 15 -33.01 34.70 12.17
C SER C 15 -34.55 34.95 12.13
N SER C 16 -35.28 34.06 11.47
CA SER C 16 -36.68 34.31 11.09
C SER C 16 -37.56 33.07 11.38
N PRO C 17 -38.40 33.13 12.43
CA PRO C 17 -39.00 31.90 12.94
C PRO C 17 -40.27 31.46 12.18
N THR C 18 -40.09 31.21 10.88
CA THR C 18 -41.17 30.87 9.97
C THR C 18 -41.55 29.35 10.03
N GLY C 19 -40.70 28.53 10.63
CA GLY C 19 -40.97 27.10 10.71
C GLY C 19 -42.03 26.78 11.75
N ASN C 20 -42.90 25.84 11.43
CA ASN C 20 -43.94 25.40 12.36
C ASN C 20 -43.59 24.03 12.91
N PHE C 21 -43.11 23.99 14.15
CA PHE C 21 -42.70 22.73 14.76
C PHE C 21 -43.63 22.42 15.92
N VAL C 22 -43.60 21.18 16.40
CA VAL C 22 -44.56 20.72 17.39
C VAL C 22 -43.90 19.88 18.46
N SER C 23 -44.28 20.12 19.72
CA SER C 23 -43.70 19.43 20.86
C SER C 23 -44.42 18.12 21.07
N SER C 24 -43.89 17.28 21.94
CA SER C 24 -44.48 15.94 22.18
C SER C 24 -45.77 16.02 23.02
N SER C 25 -46.03 17.20 23.56
CA SER C 25 -47.32 17.55 24.18
C SER C 25 -48.28 18.27 23.21
N ASN C 26 -47.99 18.21 21.90
CA ASN C 26 -48.92 18.66 20.84
C ASN C 26 -49.13 20.16 20.72
N ASN C 27 -48.25 20.95 21.32
CA ASN C 27 -48.29 22.41 21.16
C ASN C 27 -47.35 22.82 20.03
N PRO C 28 -47.87 23.47 18.99
CA PRO C 28 -46.98 24.02 17.97
C PRO C 28 -46.18 25.17 18.54
N PHE C 29 -45.12 25.56 17.84
CA PHE C 29 -44.30 26.72 18.20
C PHE C 29 -43.47 27.08 16.99
N ASN C 30 -42.89 28.28 17.01
CA ASN C 30 -42.19 28.79 15.84
C ASN C 30 -40.67 28.70 16.03
N GLY C 31 -39.97 28.22 15.01
CA GLY C 31 -38.53 28.06 15.04
C GLY C 31 -37.90 28.52 13.75
N SER C 32 -36.63 28.91 13.81
CA SER C 32 -35.90 29.23 12.57
C SER C 32 -35.20 27.95 12.08
N TYR C 33 -34.83 27.93 10.80
CA TYR C 33 -34.21 26.74 10.23
C TYR C 33 -33.35 27.13 9.02
N PHE C 34 -32.34 26.29 8.74
CA PHE C 34 -31.61 26.40 7.49
C PHE C 34 -31.42 24.98 6.93
N LEU C 35 -31.94 24.78 5.71
CA LEU C 35 -32.10 23.47 5.09
C LEU C 35 -31.29 23.51 3.81
N GLN C 36 -30.32 22.60 3.69
CA GLN C 36 -29.58 22.41 2.45
C GLN C 36 -29.60 20.92 2.07
N GLN C 37 -30.03 20.63 0.85
CA GLN C 37 -30.18 19.28 0.37
C GLN C 37 -29.47 19.16 -0.95
N ILE C 38 -28.97 17.95 -1.22
CA ILE C 38 -28.36 17.56 -2.47
C ILE C 38 -29.00 16.25 -2.88
N ASN C 39 -29.22 16.09 -4.18
CA ASN C 39 -29.53 14.79 -4.77
C ASN C 39 -28.34 14.43 -5.62
N THR C 40 -27.69 13.31 -5.32
CA THR C 40 -26.60 12.80 -6.14
C THR C 40 -27.08 11.48 -6.74
N MET C 41 -27.50 11.55 -7.99
CA MET C 41 -27.88 10.39 -8.76
C MET C 41 -28.80 9.45 -7.96
N GLY C 42 -29.82 10.01 -7.30
CA GLY C 42 -30.77 9.21 -6.58
C GLY C 42 -30.57 9.02 -5.09
N MET C 43 -29.51 9.58 -4.53
CA MET C 43 -29.30 9.57 -3.09
C MET C 43 -29.44 10.99 -2.55
N LEU C 44 -30.24 11.15 -1.50
CA LEU C 44 -30.59 12.43 -0.91
C LEU C 44 -29.82 12.68 0.40
N THR C 45 -29.05 13.76 0.43
CA THR C 45 -28.39 14.20 1.64
C THR C 45 -29.06 15.49 2.12
N THR C 46 -29.48 15.50 3.38
CA THR C 46 -30.18 16.63 4.00
C THR C 46 -29.37 17.13 5.20
N SER C 47 -28.91 18.38 5.12
CA SER C 47 -28.27 19.11 6.22
C SER C 47 -29.27 20.13 6.80
N LEU C 48 -29.64 19.96 8.07
CA LEU C 48 -30.60 20.82 8.72
C LEU C 48 -30.05 21.44 10.03
N TYR C 49 -30.19 22.76 10.14
CA TYR C 49 -30.00 23.46 11.42
C TYR C 49 -31.36 23.96 11.90
N VAL C 50 -31.59 23.88 13.20
CA VAL C 50 -32.80 24.41 13.83
C VAL C 50 -32.41 25.34 14.98
N LYS C 51 -33.04 26.51 15.05
CA LYS C 51 -32.89 27.41 16.20
C LYS C 51 -34.26 27.79 16.80
N VAL C 52 -34.34 27.76 18.12
CA VAL C 52 -35.57 28.15 18.82
C VAL C 52 -35.21 29.23 19.85
N ASP C 53 -35.83 30.39 19.71
CA ASP C 53 -35.70 31.52 20.65
C ASP C 53 -36.99 31.62 21.47
N THR C 54 -36.90 31.50 22.80
CA THR C 54 -38.11 31.53 23.64
C THR C 54 -38.89 32.85 23.56
N THR C 55 -38.23 33.93 23.14
CA THR C 55 -38.91 35.21 22.99
C THR C 55 -39.69 35.33 21.66
N THR C 56 -39.33 34.52 20.66
CA THR C 56 -40.02 34.54 19.35
C THR C 56 -40.77 33.24 18.97
N MET C 57 -40.91 32.30 19.92
CA MET C 57 -41.46 30.97 19.61
C MET C 57 -42.98 30.81 19.84
N GLY C 58 -43.60 31.81 20.48
CA GLY C 58 -45.02 31.74 20.84
C GLY C 58 -45.18 31.40 22.30
N THR C 59 -46.40 31.55 22.81
CA THR C 59 -46.69 31.31 24.22
C THR C 59 -46.70 29.81 24.46
N ARG C 60 -46.12 29.44 25.60
CA ARG C 60 -46.02 28.07 26.04
C ARG C 60 -47.03 27.89 27.15
N PRO C 61 -48.03 27.03 26.95
CA PRO C 61 -49.01 26.78 28.01
C PRO C 61 -48.38 26.18 29.27
N THR C 62 -49.03 26.38 30.41
CA THR C 62 -48.56 25.84 31.70
C THR C 62 -49.09 24.43 31.92
N GLY C 63 -48.67 23.81 33.02
CA GLY C 63 -49.10 22.45 33.36
C GLY C 63 -47.98 21.45 33.17
N ALA C 64 -47.93 20.46 34.05
CA ALA C 64 -46.88 19.43 34.07
C ALA C 64 -46.70 18.78 32.68
N VAL C 65 -47.80 18.32 32.10
CA VAL C 65 -47.76 17.64 30.80
C VAL C 65 -47.08 18.53 29.74
N ASN C 66 -47.45 19.82 29.68
CA ASN C 66 -46.96 20.72 28.63
C ASN C 66 -45.54 21.23 28.86
N GLU C 67 -45.26 21.69 30.08
CA GLU C 67 -43.95 22.27 30.45
C GLU C 67 -42.79 21.27 30.40
N ASN C 68 -43.10 19.99 30.60
CA ASN C 68 -42.10 18.95 30.71
C ASN C 68 -41.84 18.13 29.41
N ALA C 69 -42.39 18.60 28.28
CA ALA C 69 -42.13 17.99 26.97
C ALA C 69 -40.65 18.12 26.63
N ARG C 70 -40.02 17.03 26.21
CA ARG C 70 -38.59 17.01 25.83
C ARG C 70 -38.35 16.81 24.33
N TYR C 71 -39.31 16.24 23.62
CA TYR C 71 -39.18 15.97 22.16
C TYR C 71 -39.96 16.99 21.37
N PHE C 72 -39.48 17.30 20.17
CA PHE C 72 -40.27 18.01 19.18
C PHE C 72 -39.86 17.57 17.78
N THR C 73 -40.78 17.71 16.83
CA THR C 73 -40.61 17.21 15.45
C THR C 73 -40.59 18.34 14.45
N VAL C 74 -39.74 18.18 13.44
CA VAL C 74 -39.62 19.08 12.30
C VAL C 74 -39.76 18.23 11.06
N TRP C 75 -40.66 18.64 10.16
CA TRP C 75 -40.93 17.91 8.94
C TRP C 75 -40.19 18.59 7.81
N VAL C 76 -39.29 17.86 7.13
CA VAL C 76 -38.72 18.36 5.88
C VAL C 76 -39.57 17.85 4.72
N SER C 77 -39.92 18.75 3.78
CA SER C 77 -40.88 18.45 2.72
C SER C 77 -40.39 18.95 1.37
N SER C 78 -40.64 18.17 0.34
CA SER C 78 -40.46 18.57 -1.05
C SER C 78 -41.80 19.04 -1.65
N PHE C 79 -42.89 18.88 -0.90
CA PHE C 79 -44.23 19.20 -1.39
C PHE C 79 -44.73 20.47 -0.66
N LEU C 80 -44.22 21.61 -1.11
CA LEU C 80 -44.28 22.84 -0.30
C LEU C 80 -45.69 23.48 -0.19
N THR C 81 -46.59 23.15 -1.12
CA THR C 81 -48.01 23.57 -0.99
C THR C 81 -48.91 22.40 -0.53
N GLN C 82 -48.78 21.23 -1.14
CA GLN C 82 -49.70 20.09 -0.89
C GLN C 82 -49.53 19.39 0.47
N CYS C 83 -48.29 19.21 0.92
CA CYS C 83 -48.04 18.51 2.19
C CYS C 83 -46.76 19.05 2.87
N ASN C 84 -46.93 20.00 3.78
CA ASN C 84 -45.82 20.78 4.36
C ASN C 84 -46.16 21.15 5.80
N PRO C 85 -46.28 20.14 6.67
CA PRO C 85 -46.68 20.39 8.07
C PRO C 85 -45.85 21.43 8.84
N SER C 86 -44.56 21.57 8.50
CA SER C 86 -43.67 22.45 9.26
C SER C 86 -43.39 23.78 8.54
N ASN C 87 -44.07 24.00 7.42
CA ASN C 87 -44.00 25.27 6.69
C ASN C 87 -42.58 25.55 6.24
N ILE C 88 -41.97 24.57 5.58
CA ILE C 88 -40.72 24.83 4.88
C ILE C 88 -41.07 25.76 3.72
N GLY C 89 -40.23 26.80 3.55
CA GLY C 89 -40.48 27.85 2.60
C GLY C 89 -39.91 27.56 1.26
N GLN C 90 -40.38 28.30 0.23
CA GLN C 90 -39.80 28.17 -1.10
C GLN C 90 -38.34 28.59 -0.93
N GLY C 91 -37.48 28.16 -1.83
CA GLY C 91 -36.06 28.43 -1.67
C GLY C 91 -35.39 28.51 -3.01
N THR C 92 -34.10 28.20 -3.04
CA THR C 92 -33.31 28.27 -4.27
C THR C 92 -33.00 26.86 -4.78
N LEU C 93 -33.13 26.66 -6.08
CA LEU C 93 -32.87 25.39 -6.72
C LEU C 93 -31.65 25.56 -7.60
N GLU C 94 -30.80 24.54 -7.67
CA GLU C 94 -29.64 24.54 -8.59
C GLU C 94 -29.47 23.14 -9.23
N PRO C 95 -29.54 23.06 -10.58
CA PRO C 95 -29.90 24.15 -11.49
C PRO C 95 -31.29 24.75 -11.24
N SER C 96 -31.50 25.99 -11.69
CA SER C 96 -32.75 26.72 -11.48
C SER C 96 -33.98 26.02 -12.07
N ASN C 97 -33.79 25.31 -13.18
CA ASN C 97 -34.89 24.58 -13.83
C ASN C 97 -35.12 23.15 -13.32
N ILE C 98 -34.62 22.82 -12.13
CA ILE C 98 -34.74 21.47 -11.61
C ILE C 98 -36.05 21.40 -10.84
N SER C 99 -36.74 20.27 -10.99
CA SER C 99 -38.01 20.06 -10.30
C SER C 99 -37.78 19.79 -8.81
N MET C 100 -38.67 20.31 -7.97
CA MET C 100 -38.70 19.98 -6.56
C MET C 100 -38.89 18.48 -6.26
N THR C 101 -39.45 17.74 -7.21
CA THR C 101 -39.62 16.29 -7.08
C THR C 101 -38.27 15.57 -6.99
N SER C 102 -37.21 16.28 -7.38
CA SER C 102 -35.84 15.82 -7.21
C SER C 102 -35.37 15.65 -5.76
N PHE C 103 -36.15 16.13 -4.79
CA PHE C 103 -35.81 16.08 -3.36
C PHE C 103 -36.80 15.33 -2.53
N GLU C 104 -37.66 14.61 -3.24
CA GLU C 104 -38.60 13.69 -2.64
C GLU C 104 -37.78 12.47 -2.19
N PRO C 105 -37.93 12.07 -0.92
CA PRO C 105 -37.34 10.79 -0.49
C PRO C 105 -38.12 9.64 -1.12
N ALA C 106 -37.43 8.53 -1.42
CA ALA C 106 -38.06 7.30 -1.89
C ALA C 106 -39.00 6.82 -0.81
N ARG C 107 -40.03 6.07 -1.21
CA ARG C 107 -40.85 5.35 -0.26
C ARG C 107 -39.97 4.52 0.70
N ASN C 108 -40.33 4.56 1.98
CA ASN C 108 -39.62 3.85 2.99
C ASN C 108 -40.16 2.41 3.04
N PRO C 109 -39.37 1.45 2.57
CA PRO C 109 -39.79 0.06 2.50
C PRO C 109 -40.11 -0.57 3.82
N ILE C 110 -39.63 -0.03 4.94
CA ILE C 110 -39.99 -0.64 6.21
C ILE C 110 -41.40 -0.23 6.64
N SER C 111 -42.05 0.67 5.89
CA SER C 111 -43.49 0.97 6.07
C SER C 111 -43.87 1.41 7.48
N PRO C 112 -43.36 2.57 7.91
CA PRO C 112 -43.73 3.07 9.23
C PRO C 112 -45.18 3.61 9.23
N PRO C 113 -45.72 3.90 10.42
CA PRO C 113 -47.10 4.39 10.50
C PRO C 113 -47.28 5.72 9.78
N VAL C 114 -48.41 5.89 9.09
CA VAL C 114 -48.62 7.12 8.33
C VAL C 114 -48.90 8.22 9.35
N PHE C 115 -48.48 9.43 9.01
CA PHE C 115 -48.84 10.63 9.76
C PHE C 115 -50.09 11.21 9.09
N ASN C 116 -51.22 11.08 9.76
CA ASN C 116 -52.49 11.54 9.21
C ASN C 116 -52.73 12.98 9.61
N MET C 117 -52.58 13.88 8.65
CA MET C 117 -52.91 15.29 8.87
C MET C 117 -54.42 15.60 9.02
N ASN C 118 -55.28 14.59 8.82
CA ASN C 118 -56.73 14.75 9.02
C ASN C 118 -57.22 14.58 10.45
N GLN C 119 -56.46 13.94 11.33
CA GLN C 119 -56.98 13.76 12.68
C GLN C 119 -56.64 14.94 13.62
N ASN C 120 -56.07 16.00 13.06
CA ASN C 120 -55.67 17.20 13.81
C ASN C 120 -54.97 16.96 15.16
N ILE C 121 -54.12 15.93 15.21
CA ILE C 121 -53.07 15.80 16.22
C ILE C 121 -51.79 16.17 15.46
N PRO C 122 -51.21 17.35 15.77
CA PRO C 122 -50.10 17.87 14.94
C PRO C 122 -48.71 17.28 15.22
N TYR C 123 -48.53 16.54 16.32
CA TYR C 123 -47.25 15.92 16.69
C TYR C 123 -47.19 14.46 16.27
N TYR C 124 -46.07 14.12 15.62
CA TYR C 124 -45.78 12.75 15.22
C TYR C 124 -44.34 12.46 15.67
N ALA C 125 -44.17 11.38 16.43
CA ALA C 125 -42.87 10.95 16.94
C ALA C 125 -42.19 10.06 15.89
N SER C 126 -41.10 10.57 15.32
CA SER C 126 -40.15 9.76 14.53
C SER C 126 -39.57 8.62 15.38
N ARG C 127 -39.61 7.40 14.85
CA ARG C 127 -39.32 6.21 15.63
C ARG C 127 -38.33 5.23 14.98
N PHE C 128 -38.44 5.05 13.68
CA PHE C 128 -37.78 3.94 12.99
C PHE C 128 -36.80 4.47 11.96
N GLY C 129 -35.52 4.27 12.25
CA GLY C 129 -34.43 4.85 11.50
C GLY C 129 -33.24 5.08 12.41
N VAL C 130 -32.26 5.83 11.89
CA VAL C 130 -31.05 6.16 12.63
C VAL C 130 -31.36 7.13 13.76
N LEU C 131 -30.63 6.99 14.87
CA LEU C 131 -30.60 7.99 15.96
C LEU C 131 -29.20 8.64 16.03
N GLU C 132 -29.06 9.93 15.74
CA GLU C 132 -27.76 10.61 15.79
C GLU C 132 -27.70 11.53 17.01
N SER C 133 -26.51 11.63 17.62
CA SER C 133 -26.36 12.33 18.89
C SER C 133 -25.71 13.70 18.64
N TYR C 134 -26.34 14.79 19.10
CA TYR C 134 -25.77 16.14 18.99
C TYR C 134 -25.71 16.85 20.34
N ARG C 135 -24.80 17.80 20.43
CA ARG C 135 -24.83 18.76 21.53
C ARG C 135 -25.15 20.12 20.91
N PRO C 136 -26.25 20.75 21.36
CA PRO C 136 -26.60 22.05 20.83
C PRO C 136 -25.91 23.14 21.63
N ILE C 137 -26.05 24.37 21.15
CA ILE C 137 -25.50 25.54 21.82
C ILE C 137 -26.64 26.41 22.40
N PHE C 138 -26.39 27.02 23.55
CA PHE C 138 -27.39 27.77 24.32
C PHE C 138 -26.96 29.22 24.55
N THR C 139 -27.96 30.10 24.63
CA THR C 139 -27.83 31.45 25.24
C THR C 139 -28.98 31.58 26.25
N GLY C 140 -28.86 32.48 27.22
CA GLY C 140 -29.86 32.61 28.27
C GLY C 140 -29.74 31.53 29.32
N SER C 141 -30.83 31.22 30.01
CA SER C 141 -30.81 30.20 31.07
C SER C 141 -31.21 28.83 30.52
N LEU C 142 -31.69 28.79 29.27
CA LEU C 142 -32.15 27.55 28.61
C LEU C 142 -31.07 26.46 28.59
N ASN C 143 -31.40 25.26 29.08
CA ASN C 143 -30.51 24.09 29.01
C ASN C 143 -31.21 22.75 28.75
N THR C 144 -31.12 22.29 27.49
CA THR C 144 -31.78 21.07 27.02
C THR C 144 -30.94 19.81 27.25
N GLY C 145 -29.68 19.99 27.61
CA GLY C 145 -28.68 18.93 27.51
C GLY C 145 -28.40 18.58 26.04
N SER C 146 -27.79 17.42 25.83
CA SER C 146 -27.60 16.92 24.47
C SER C 146 -28.94 16.53 23.86
N ILE C 147 -29.04 16.61 22.55
CA ILE C 147 -30.24 16.24 21.82
C ILE C 147 -29.92 15.13 20.82
N ASP C 148 -30.62 14.00 20.95
CA ASP C 148 -30.57 12.93 19.95
C ASP C 148 -31.66 13.19 18.94
N VAL C 149 -31.39 12.90 17.68
CA VAL C 149 -32.35 13.14 16.60
C VAL C 149 -32.63 11.82 15.88
N ARG C 150 -33.90 11.42 15.86
CA ARG C 150 -34.37 10.27 15.08
C ARG C 150 -34.89 10.73 13.74
N MET C 151 -34.49 10.06 12.68
CA MET C 151 -34.78 10.50 11.33
C MET C 151 -35.48 9.37 10.56
N GLN C 152 -36.68 9.66 10.06
CA GLN C 152 -37.57 8.63 9.50
C GLN C 152 -38.33 9.17 8.30
N VAL C 153 -38.08 8.58 7.13
CA VAL C 153 -38.92 8.86 5.97
C VAL C 153 -40.26 8.18 6.24
N THR C 154 -41.33 8.96 6.05
CA THR C 154 -42.68 8.62 6.51
C THR C 154 -43.70 9.02 5.41
N PRO C 155 -44.74 8.19 5.20
CA PRO C 155 -45.90 8.61 4.39
C PRO C 155 -46.84 9.47 5.22
N VAL C 156 -47.11 10.67 4.75
CA VAL C 156 -47.98 11.60 5.44
C VAL C 156 -49.28 11.77 4.62
N LEU C 157 -50.40 11.34 5.23
CA LEU C 157 -51.69 11.51 4.54
C LEU C 157 -52.09 12.98 4.64
N ALA C 158 -51.96 13.69 3.53
CA ALA C 158 -52.38 15.09 3.44
C ALA C 158 -53.91 15.23 3.61
N THR C 159 -54.36 16.49 3.75
CA THR C 159 -55.80 16.80 3.88
C THR C 159 -56.55 16.56 2.56
N ASN C 160 -55.80 16.47 1.47
CA ASN C 160 -56.32 16.06 0.17
C ASN C 160 -56.50 14.53 -0.05
N ASN C 161 -56.30 13.75 1.03
CA ASN C 161 -56.40 12.27 1.09
C ASN C 161 -55.43 11.44 0.27
N THR C 162 -54.36 12.07 -0.16
CA THR C 162 -53.22 11.41 -0.78
C THR C 162 -52.04 11.38 0.22
N THR C 163 -51.19 10.36 0.07
CA THR C 163 -50.00 10.14 0.88
C THR C 163 -48.77 10.73 0.18
N TYR C 164 -47.98 11.48 0.96
CA TYR C 164 -46.71 12.09 0.50
C TYR C 164 -45.54 11.63 1.40
N ASN C 165 -44.43 11.29 0.77
CA ASN C 165 -43.25 10.76 1.51
C ASN C 165 -42.39 11.94 1.91
N LEU C 166 -42.34 12.20 3.22
CA LEU C 166 -41.57 13.30 3.82
C LEU C 166 -40.52 12.71 4.79
N ILE C 167 -39.66 13.55 5.36
CA ILE C 167 -38.69 13.13 6.40
C ILE C 167 -39.03 13.76 7.74
N ALA C 168 -39.31 12.94 8.73
CA ALA C 168 -39.57 13.41 10.06
C ALA C 168 -38.26 13.39 10.87
N PHE C 169 -37.90 14.53 11.45
CA PHE C 169 -36.80 14.64 12.41
C PHE C 169 -37.40 14.92 13.77
N THR C 170 -37.26 13.99 14.72
CA THR C 170 -37.65 14.26 16.12
C THR C 170 -36.43 14.48 17.01
N PHE C 171 -36.36 15.68 17.58
CA PHE C 171 -35.29 16.13 18.43
C PHE C 171 -35.63 15.73 19.85
N GLN C 172 -34.78 14.91 20.47
CA GLN C 172 -35.08 14.32 21.79
C GLN C 172 -34.12 14.89 22.84
N CYS C 173 -34.57 15.92 23.55
CA CYS C 173 -33.72 16.64 24.53
C CYS C 173 -33.51 15.80 25.77
N ALA C 174 -32.31 15.85 26.34
CA ALA C 174 -32.02 15.09 27.58
C ALA C 174 -32.77 15.62 28.80
N SER C 175 -32.92 16.95 28.84
CA SER C 175 -33.55 17.68 29.93
C SER C 175 -34.68 18.56 29.40
N ALA C 176 -35.78 18.62 30.16
CA ALA C 176 -36.88 19.57 29.89
C ALA C 176 -36.43 21.01 30.17
N GLY C 177 -37.16 21.96 29.59
CA GLY C 177 -36.80 23.37 29.71
C GLY C 177 -37.31 24.23 28.57
N LEU C 178 -37.25 23.70 27.35
CA LEU C 178 -37.66 24.44 26.16
C LEU C 178 -39.14 24.85 26.18
N PHE C 179 -39.98 24.05 26.82
CA PHE C 179 -41.42 24.31 26.83
C PHE C 179 -41.96 24.75 28.20
N ASN C 180 -41.04 25.21 29.05
CA ASN C 180 -41.35 25.81 30.34
C ASN C 180 -41.24 27.34 30.23
N PRO C 181 -42.38 28.07 30.35
CA PRO C 181 -42.40 29.53 30.09
C PRO C 181 -41.56 30.39 31.06
N THR C 182 -41.23 29.87 32.24
CA THR C 182 -40.30 30.57 33.13
C THR C 182 -38.83 30.48 32.69
N VAL C 183 -38.48 29.48 31.85
CA VAL C 183 -37.13 29.37 31.27
C VAL C 183 -37.01 30.17 29.97
N ASN C 184 -35.96 30.97 29.83
CA ASN C 184 -35.73 31.80 28.64
C ASN C 184 -34.33 31.61 28.08
N GLY C 185 -34.18 31.91 26.80
CA GLY C 185 -32.91 31.78 26.11
C GLY C 185 -33.08 31.25 24.69
N THR C 186 -31.98 30.73 24.13
CA THR C 186 -32.01 30.11 22.81
C THR C 186 -31.29 28.75 22.83
N VAL C 187 -31.73 27.87 21.93
CA VAL C 187 -31.05 26.61 21.61
C VAL C 187 -30.84 26.56 20.10
N ALA C 188 -29.60 26.29 19.68
CA ALA C 188 -29.26 26.14 18.26
C ALA C 188 -28.59 24.76 18.06
N ILE C 189 -29.06 24.00 17.07
CA ILE C 189 -28.58 22.65 16.83
C ILE C 189 -28.26 22.47 15.38
N GLY C 190 -27.14 21.80 15.11
CA GLY C 190 -26.79 21.37 13.76
C GLY C 190 -25.32 21.50 13.44
N PRO C 191 -24.93 21.17 12.19
CA PRO C 191 -25.83 20.63 11.16
C PRO C 191 -26.21 19.18 11.42
N VAL C 192 -27.49 18.87 11.27
CA VAL C 192 -28.03 17.53 11.42
C VAL C 192 -28.10 17.00 10.00
N VAL C 193 -27.28 15.98 9.71
CA VAL C 193 -27.17 15.44 8.36
C VAL C 193 -27.86 14.05 8.26
N HIS C 194 -28.80 13.93 7.33
CA HIS C 194 -29.51 12.67 7.08
C HIS C 194 -29.26 12.26 5.63
N THR C 195 -29.04 10.96 5.40
CA THR C 195 -28.92 10.44 4.03
C THR C 195 -29.94 9.33 3.88
N CYS C 196 -30.59 9.30 2.73
CA CYS C 196 -31.59 8.28 2.39
C CYS C 196 -31.74 8.26 0.88
N PRO C 197 -32.26 7.14 0.34
CA PRO C 197 -32.42 7.13 -1.10
C PRO C 197 -33.53 8.12 -1.54
N ALA C 198 -33.29 8.80 -2.65
CA ALA C 198 -34.28 9.68 -3.28
C ALA C 198 -35.24 8.87 -4.15
N ALA C 199 -36.39 9.47 -4.45
CA ALA C 199 -37.37 8.86 -5.36
C ALA C 199 -36.84 8.70 -6.76
N ARG C 200 -35.94 9.57 -7.19
CA ARG C 200 -35.40 9.55 -8.55
C ARG C 200 -34.08 10.31 -8.62
N ALA C 201 -33.31 10.10 -9.67
CA ALA C 201 -32.21 11.00 -10.01
C ALA C 201 -32.80 12.39 -10.31
N PRO C 202 -31.99 13.44 -10.29
CA PRO C 202 -32.58 14.76 -10.56
C PRO C 202 -33.30 14.87 -11.93
N VAL C 203 -34.41 15.60 -11.93
CA VAL C 203 -35.26 15.80 -13.13
C VAL C 203 -35.56 17.31 -13.31
N THR C 204 -35.47 17.79 -14.55
CA THR C 204 -35.86 19.19 -14.86
C THR C 204 -37.37 19.36 -14.87
N VAL C 205 -37.82 20.61 -14.77
CA VAL C 205 -39.25 20.94 -14.84
C VAL C 205 -39.78 20.74 -16.27
N THR D 1 -16.08 10.23 -18.80
CA THR D 1 -16.79 9.37 -17.84
C THR D 1 -17.38 10.19 -16.70
N SER D 2 -18.36 9.92 -16.50
CA SER D 2 -19.07 10.46 -15.33
C SER D 2 -18.26 10.30 -14.04
N SER D 3 -18.26 11.35 -13.23
CA SER D 3 -17.63 11.29 -11.92
C SER D 3 -18.58 10.77 -10.83
N VAL D 4 -19.82 10.43 -11.20
CA VAL D 4 -20.80 9.88 -10.27
C VAL D 4 -21.43 8.62 -10.91
N ALA D 5 -21.65 7.57 -10.12
CA ALA D 5 -22.19 6.28 -10.61
C ALA D 5 -23.03 5.67 -9.50
N ALA D 6 -24.02 4.86 -9.86
CA ALA D 6 -24.93 4.22 -8.91
C ALA D 6 -25.07 2.71 -9.16
N PHE D 7 -25.34 1.97 -8.07
CA PHE D 7 -25.61 0.54 -8.11
C PHE D 7 -26.80 0.26 -7.20
N THR D 8 -27.72 -0.58 -7.69
CA THR D 8 -28.90 -0.99 -6.96
C THR D 8 -29.02 -2.51 -7.06
N SER D 9 -29.25 -3.16 -5.93
CA SER D 9 -29.48 -4.60 -5.87
C SER D 9 -30.47 -4.96 -4.79
N GLY D 10 -31.12 -6.10 -4.98
CA GLY D 10 -32.15 -6.56 -4.09
C GLY D 10 -33.50 -6.06 -4.58
N THR D 11 -34.48 -6.02 -3.69
CA THR D 11 -35.82 -5.54 -4.01
C THR D 11 -36.37 -4.54 -2.98
N ILE D 12 -37.10 -3.51 -3.43
CA ILE D 12 -37.74 -2.55 -2.51
C ILE D 12 -38.84 -3.19 -1.67
N GLY D 13 -39.32 -4.33 -2.08
CA GLY D 13 -40.36 -5.03 -1.34
C GLY D 13 -39.85 -5.78 -0.13
N LEU D 14 -38.54 -6.04 -0.08
CA LEU D 14 -37.94 -6.76 1.06
C LEU D 14 -38.65 -8.09 1.25
N SER D 15 -38.92 -8.73 0.11
CA SER D 15 -39.82 -9.87 0.03
C SER D 15 -39.17 -11.11 -0.60
N SER D 16 -37.88 -11.04 -0.86
CA SER D 16 -37.16 -12.09 -1.59
C SER D 16 -35.87 -12.49 -0.85
N PRO D 17 -35.95 -13.56 -0.01
CA PRO D 17 -34.89 -13.81 0.97
C PRO D 17 -33.71 -14.58 0.40
N THR D 18 -33.02 -13.92 -0.51
CA THR D 18 -31.91 -14.48 -1.27
C THR D 18 -30.53 -14.17 -0.63
N GLY D 19 -30.48 -13.27 0.33
CA GLY D 19 -29.22 -12.94 1.03
C GLY D 19 -28.86 -14.07 1.98
N ASN D 20 -27.58 -14.42 2.04
CA ASN D 20 -27.08 -15.43 3.01
C ASN D 20 -26.39 -14.70 4.16
N PHE D 21 -27.04 -14.63 5.32
CA PHE D 21 -26.51 -13.96 6.48
C PHE D 21 -26.15 -15.03 7.54
N VAL D 22 -25.41 -14.67 8.58
CA VAL D 22 -24.89 -15.65 9.54
C VAL D 22 -24.98 -15.08 10.91
N SER D 23 -25.57 -15.84 11.84
CA SER D 23 -25.58 -15.42 13.23
C SER D 23 -24.24 -15.62 13.91
N SER D 24 -24.08 -14.98 15.06
CA SER D 24 -22.88 -15.13 15.89
C SER D 24 -22.66 -16.52 16.47
N SER D 25 -23.64 -17.41 16.37
CA SER D 25 -23.46 -18.84 16.68
C SER D 25 -23.14 -19.71 15.47
N ASN D 26 -22.74 -19.07 14.36
CA ASN D 26 -22.29 -19.73 13.13
C ASN D 26 -23.37 -20.45 12.33
N ASN D 27 -24.59 -19.96 12.45
CA ASN D 27 -25.75 -20.49 11.76
C ASN D 27 -26.16 -19.56 10.64
N PRO D 28 -26.09 -20.05 9.40
CA PRO D 28 -26.55 -19.26 8.27
C PRO D 28 -28.06 -19.17 8.25
N PHE D 29 -28.57 -18.13 7.61
CA PHE D 29 -29.99 -17.95 7.41
C PHE D 29 -30.20 -17.00 6.24
N ASN D 30 -31.43 -16.99 5.75
CA ASN D 30 -31.79 -16.18 4.62
C ASN D 30 -32.55 -14.94 5.01
N GLY D 31 -32.16 -13.84 4.37
CA GLY D 31 -32.82 -12.57 4.57
C GLY D 31 -32.95 -11.82 3.28
N SER D 32 -33.84 -10.83 3.29
CA SER D 32 -34.05 -9.91 2.17
C SER D 32 -33.26 -8.60 2.40
N TYR D 33 -32.88 -7.95 1.31
CA TYR D 33 -32.14 -6.71 1.42
C TYR D 33 -32.50 -5.83 0.24
N PHE D 34 -32.21 -4.55 0.39
CA PHE D 34 -32.20 -3.60 -0.72
C PHE D 34 -30.99 -2.68 -0.58
N LEU D 35 -30.15 -2.68 -1.60
CA LEU D 35 -28.83 -2.05 -1.59
C LEU D 35 -28.80 -0.98 -2.64
N GLN D 36 -28.48 0.24 -2.21
CA GLN D 36 -28.36 1.34 -3.13
C GLN D 36 -27.04 2.04 -2.84
N GLN D 37 -26.13 2.01 -3.79
CA GLN D 37 -24.82 2.63 -3.58
C GLN D 37 -24.54 3.70 -4.61
N ILE D 38 -23.82 4.72 -4.16
CA ILE D 38 -23.28 5.76 -5.03
C ILE D 38 -21.74 5.93 -4.89
N ASN D 39 -21.04 6.16 -5.99
CA ASN D 39 -19.65 6.58 -5.96
C ASN D 39 -19.60 8.00 -6.47
N THR D 40 -19.24 8.96 -5.63
CA THR D 40 -19.01 10.34 -6.05
C THR D 40 -17.54 10.62 -5.94
N MET D 41 -16.87 10.66 -7.10
CA MET D 41 -15.47 10.97 -7.25
C MET D 41 -14.59 10.28 -6.21
N GLY D 42 -14.85 8.98 -5.98
CA GLY D 42 -14.02 8.16 -5.14
C GLY D 42 -14.46 8.06 -3.70
N MET D 43 -15.68 8.51 -3.42
CA MET D 43 -16.28 8.34 -2.12
C MET D 43 -17.50 7.44 -2.25
N LEU D 44 -17.49 6.34 -1.47
CA LEU D 44 -18.54 5.34 -1.56
C LEU D 44 -19.61 5.55 -0.52
N THR D 45 -20.85 5.80 -0.95
CA THR D 45 -22.00 5.86 -0.07
C THR D 45 -22.90 4.66 -0.30
N THR D 46 -23.28 4.00 0.78
CA THR D 46 -24.00 2.73 0.74
C THR D 46 -25.21 2.91 1.58
N SER D 47 -26.38 2.68 0.99
CA SER D 47 -27.66 2.59 1.71
C SER D 47 -28.17 1.15 1.68
N LEU D 48 -28.44 0.57 2.85
CA LEU D 48 -28.83 -0.80 2.97
C LEU D 48 -30.05 -0.97 3.87
N TYR D 49 -31.06 -1.68 3.37
CA TYR D 49 -32.15 -2.18 4.19
C TYR D 49 -32.02 -3.69 4.31
N VAL D 50 -32.34 -4.23 5.48
CA VAL D 50 -32.38 -5.67 5.69
C VAL D 50 -33.71 -6.06 6.33
N LYS D 51 -34.30 -7.14 5.86
CA LYS D 51 -35.47 -7.71 6.48
C LYS D 51 -35.30 -9.21 6.71
N VAL D 52 -35.66 -9.68 7.89
CA VAL D 52 -35.63 -11.12 8.21
C VAL D 52 -37.04 -11.49 8.67
N ASP D 53 -37.56 -12.57 8.08
CA ASP D 53 -38.87 -13.13 8.34
C ASP D 53 -38.66 -14.56 8.81
N THR D 54 -39.17 -14.91 9.98
CA THR D 54 -38.87 -16.21 10.56
C THR D 54 -39.42 -17.36 9.72
N THR D 55 -40.48 -17.10 8.94
CA THR D 55 -41.11 -18.15 8.15
C THR D 55 -40.29 -18.46 6.91
N THR D 56 -39.40 -17.54 6.50
CA THR D 56 -38.55 -17.77 5.29
C THR D 56 -37.01 -17.85 5.53
N MET D 57 -36.59 -17.59 6.75
CA MET D 57 -35.18 -17.50 7.09
C MET D 57 -34.46 -18.84 7.18
N GLY D 58 -35.21 -19.92 7.33
CA GLY D 58 -34.65 -21.25 7.42
C GLY D 58 -34.73 -21.77 8.83
N THR D 59 -34.38 -23.05 8.97
CA THR D 59 -34.52 -23.75 10.23
C THR D 59 -33.54 -23.16 11.21
N ARG D 60 -34.03 -22.91 12.42
CA ARG D 60 -33.23 -22.36 13.47
C ARG D 60 -32.97 -23.49 14.47
N PRO D 61 -31.73 -24.01 14.53
CA PRO D 61 -31.47 -25.11 15.47
C PRO D 61 -31.80 -24.78 16.93
N THR D 62 -32.26 -25.77 17.68
CA THR D 62 -32.63 -25.55 19.07
C THR D 62 -31.37 -25.51 19.95
N GLY D 63 -31.54 -25.22 21.23
CA GLY D 63 -30.43 -25.13 22.19
C GLY D 63 -30.00 -23.69 22.43
N ALA D 64 -29.85 -23.30 23.71
CA ALA D 64 -29.27 -21.99 24.10
C ALA D 64 -28.02 -21.56 23.30
N VAL D 65 -27.15 -22.50 23.01
CA VAL D 65 -25.94 -22.21 22.23
C VAL D 65 -26.24 -21.54 20.86
N ASN D 66 -27.40 -21.86 20.28
CA ASN D 66 -27.86 -21.29 19.02
C ASN D 66 -28.88 -20.19 19.22
N GLU D 67 -29.82 -20.45 20.12
CA GLU D 67 -30.98 -19.57 20.32
C GLU D 67 -30.66 -18.20 20.88
N ASN D 68 -29.60 -18.11 21.69
CA ASN D 68 -29.26 -16.86 22.38
C ASN D 68 -28.45 -15.82 21.56
N ALA D 69 -28.07 -16.16 20.33
CA ALA D 69 -27.36 -15.21 19.47
C ALA D 69 -28.12 -13.90 19.31
N ARG D 70 -27.42 -12.77 19.45
CA ARG D 70 -28.00 -11.46 19.16
C ARG D 70 -27.36 -10.72 17.97
N TYR D 71 -26.23 -11.23 17.47
CA TYR D 71 -25.52 -10.60 16.37
C TYR D 71 -25.67 -11.40 15.07
N PHE D 72 -25.68 -10.67 13.94
CA PHE D 72 -25.55 -11.29 12.64
C PHE D 72 -24.87 -10.35 11.64
N THR D 73 -24.18 -10.96 10.68
CA THR D 73 -23.37 -10.22 9.73
C THR D 73 -23.93 -10.32 8.31
N VAL D 74 -23.89 -9.18 7.64
CA VAL D 74 -24.21 -9.07 6.23
C VAL D 74 -22.98 -8.47 5.54
N TRP D 75 -22.52 -9.14 4.49
CA TRP D 75 -21.42 -8.66 3.69
C TRP D 75 -21.88 -7.98 2.40
N VAL D 76 -21.43 -6.74 2.17
CA VAL D 76 -21.64 -6.07 0.88
C VAL D 76 -20.40 -6.19 0.04
N SER D 77 -20.58 -6.73 -1.17
CA SER D 77 -19.54 -7.00 -2.09
C SER D 77 -19.79 -6.37 -3.43
N SER D 78 -18.68 -6.04 -4.11
CA SER D 78 -18.69 -5.58 -5.50
C SER D 78 -18.14 -6.68 -6.42
N PHE D 79 -17.82 -7.84 -5.82
CA PHE D 79 -17.18 -8.97 -6.52
C PHE D 79 -18.17 -10.12 -6.52
N LEU D 80 -19.15 -10.02 -7.42
CA LEU D 80 -20.37 -10.79 -7.23
C LEU D 80 -20.20 -12.28 -7.50
N THR D 81 -19.16 -12.65 -8.25
CA THR D 81 -18.88 -14.07 -8.49
C THR D 81 -17.63 -14.58 -7.74
N GLN D 82 -16.68 -13.70 -7.46
CA GLN D 82 -15.39 -14.14 -6.91
C GLN D 82 -15.30 -14.11 -5.38
N CYS D 83 -16.01 -13.19 -4.75
CA CYS D 83 -15.97 -13.02 -3.30
C CYS D 83 -17.23 -12.33 -2.83
N ASN D 84 -18.22 -13.14 -2.45
CA ASN D 84 -19.58 -12.65 -2.19
C ASN D 84 -20.25 -13.54 -1.13
N PRO D 85 -19.78 -13.45 0.11
CA PRO D 85 -20.25 -14.29 1.20
C PRO D 85 -21.77 -14.25 1.42
N SER D 86 -22.42 -13.09 1.23
CA SER D 86 -23.87 -13.01 1.46
C SER D 86 -24.70 -13.07 0.18
N ASN D 87 -24.10 -13.46 -0.93
CA ASN D 87 -24.85 -13.68 -2.16
CA ASN D 87 -24.70 -13.55 -2.30
C ASN D 87 -25.66 -12.42 -2.62
N ILE D 88 -25.05 -11.23 -2.58
CA ILE D 88 -25.62 -10.03 -3.16
C ILE D 88 -25.87 -10.30 -4.67
N GLY D 89 -27.05 -9.94 -5.16
CA GLY D 89 -27.39 -10.19 -6.53
C GLY D 89 -26.90 -9.16 -7.52
N GLN D 90 -26.83 -9.60 -8.76
CA GLN D 90 -26.61 -8.71 -9.89
C GLN D 90 -27.71 -7.67 -9.84
N GLY D 91 -27.42 -6.47 -10.32
CA GLY D 91 -28.38 -5.40 -10.19
C GLY D 91 -28.34 -4.45 -11.36
N THR D 92 -28.63 -3.18 -11.09
CA THR D 92 -28.72 -2.14 -12.09
C THR D 92 -27.57 -1.15 -11.87
N LEU D 93 -26.77 -0.93 -12.91
CA LEU D 93 -25.71 0.06 -12.92
C LEU D 93 -26.16 1.34 -13.67
N GLU D 94 -25.75 2.51 -13.16
CA GLU D 94 -26.00 3.82 -13.76
C GLU D 94 -24.71 4.62 -13.73
N PRO D 95 -24.20 5.05 -14.90
CA PRO D 95 -24.60 4.65 -16.25
C PRO D 95 -24.48 3.16 -16.49
N SER D 96 -25.21 2.67 -17.49
CA SER D 96 -25.34 1.25 -17.76
C SER D 96 -24.00 0.57 -18.07
N ASN D 97 -23.05 1.34 -18.62
CA ASN D 97 -21.73 0.83 -18.95
C ASN D 97 -20.64 1.05 -17.87
N ILE D 98 -21.06 1.43 -16.66
CA ILE D 98 -20.11 1.65 -15.56
C ILE D 98 -19.64 0.28 -15.02
N SER D 99 -18.35 0.17 -14.72
CA SER D 99 -17.78 -1.05 -14.10
C SER D 99 -18.20 -1.24 -12.62
N MET D 100 -18.47 -2.49 -12.24
CA MET D 100 -18.73 -2.83 -10.86
C MET D 100 -17.56 -2.45 -9.97
N THR D 101 -16.35 -2.43 -10.53
CA THR D 101 -15.17 -1.99 -9.78
C THR D 101 -15.26 -0.55 -9.25
N SER D 102 -16.27 0.20 -9.69
CA SER D 102 -16.56 1.53 -9.18
C SER D 102 -17.22 1.50 -7.81
N PHE D 103 -17.62 0.31 -7.34
CA PHE D 103 -18.21 0.19 -6.00
C PHE D 103 -17.38 -0.61 -5.01
N GLU D 104 -16.14 -0.83 -5.38
CA GLU D 104 -15.17 -1.44 -4.55
C GLU D 104 -14.66 -0.42 -3.54
N PRO D 105 -14.69 -0.77 -2.24
CA PRO D 105 -14.13 0.10 -1.22
C PRO D 105 -12.60 0.03 -1.23
N ALA D 106 -11.96 1.16 -0.99
CA ALA D 106 -10.52 1.21 -0.82
C ALA D 106 -10.09 0.28 0.32
N ARG D 107 -8.90 -0.28 0.21
CA ARG D 107 -8.34 -1.05 1.31
C ARG D 107 -8.36 -0.18 2.58
N ASN D 108 -8.82 -0.77 3.67
CA ASN D 108 -8.88 -0.13 4.98
C ASN D 108 -7.46 -0.06 5.60
N PRO D 109 -6.91 1.15 5.71
CA PRO D 109 -5.58 1.33 6.19
C PRO D 109 -5.40 1.03 7.67
N ILE D 110 -6.46 0.89 8.45
CA ILE D 110 -6.27 0.51 9.87
C ILE D 110 -6.02 -1.00 10.02
N SER D 111 -6.25 -1.75 8.94
CA SER D 111 -5.86 -3.17 8.81
C SER D 111 -6.52 -4.08 9.83
N PRO D 112 -7.83 -4.23 9.72
CA PRO D 112 -8.55 -5.09 10.64
C PRO D 112 -8.32 -6.57 10.26
N PRO D 113 -8.70 -7.52 11.13
CA PRO D 113 -8.46 -8.92 10.86
C PRO D 113 -9.11 -9.43 9.56
N VAL D 114 -8.35 -10.19 8.77
CA VAL D 114 -8.91 -10.74 7.54
CA VAL D 114 -8.86 -10.81 7.55
C VAL D 114 -9.97 -11.81 7.87
N PHE D 115 -10.96 -11.92 6.98
CA PHE D 115 -11.93 -12.99 7.04
C PHE D 115 -11.48 -13.99 6.00
N ASN D 116 -11.07 -15.16 6.46
CA ASN D 116 -10.58 -16.20 5.58
C ASN D 116 -11.72 -17.14 5.22
N MET D 117 -12.16 -17.12 3.98
CA MET D 117 -13.29 -17.95 3.59
C MET D 117 -12.88 -19.40 3.37
N ASN D 118 -11.59 -19.72 3.45
CA ASN D 118 -11.12 -21.08 3.26
C ASN D 118 -11.17 -21.91 4.53
N GLN D 119 -11.36 -21.25 5.63
CA GLN D 119 -11.58 -21.98 6.85
C GLN D 119 -13.10 -22.01 7.06
N ASN D 120 -13.53 -22.68 8.11
CA ASN D 120 -14.89 -23.19 8.13
C ASN D 120 -15.83 -22.47 9.10
N ILE D 121 -15.35 -21.37 9.69
CA ILE D 121 -16.14 -20.52 10.58
C ILE D 121 -16.81 -19.43 9.73
N PRO D 122 -18.15 -19.49 9.53
CA PRO D 122 -18.82 -18.53 8.65
C PRO D 122 -19.16 -17.17 9.19
N TYR D 123 -19.12 -17.00 10.52
CA TYR D 123 -19.46 -15.73 11.12
C TYR D 123 -18.20 -14.93 11.35
N TYR D 124 -18.23 -13.68 10.89
CA TYR D 124 -17.20 -12.70 11.15
C TYR D 124 -17.84 -11.53 11.84
N ALA D 125 -17.29 -11.13 12.97
CA ALA D 125 -17.75 -9.95 13.69
C ALA D 125 -17.09 -8.66 13.21
N SER D 126 -17.87 -7.77 12.66
CA SER D 126 -17.38 -6.45 12.39
C SER D 126 -17.16 -5.70 13.73
N ARG D 127 -15.99 -5.10 13.89
CA ARG D 127 -15.57 -4.50 15.17
C ARG D 127 -14.99 -3.09 15.07
N PHE D 128 -14.27 -2.79 13.98
CA PHE D 128 -13.41 -1.60 13.92
C PHE D 128 -13.88 -0.63 12.86
N GLY D 129 -14.56 0.41 13.32
CA GLY D 129 -15.23 1.37 12.48
C GLY D 129 -16.33 2.01 13.29
N VAL D 130 -17.23 2.70 12.58
CA VAL D 130 -18.34 3.44 13.19
C VAL D 130 -19.40 2.47 13.67
N LEU D 131 -20.04 2.84 14.77
CA LEU D 131 -21.22 2.16 15.30
C LEU D 131 -22.39 3.13 15.22
N GLU D 132 -23.40 2.74 14.46
CA GLU D 132 -24.60 3.58 14.27
C GLU D 132 -25.78 2.90 14.92
N SER D 133 -26.70 3.69 15.48
CA SER D 133 -27.83 3.15 16.25
C SER D 133 -29.16 3.29 15.48
N TYR D 134 -29.92 2.19 15.41
CA TYR D 134 -31.19 2.13 14.70
C TYR D 134 -32.25 1.48 15.57
N ARG D 135 -33.48 1.95 15.38
CA ARG D 135 -34.67 1.24 15.79
C ARG D 135 -35.33 0.63 14.56
N PRO D 136 -35.47 -0.71 14.54
CA PRO D 136 -36.14 -1.39 13.45
C PRO D 136 -37.64 -1.52 13.73
N ILE D 137 -38.38 -2.07 12.77
CA ILE D 137 -39.80 -2.36 12.89
C ILE D 137 -40.01 -3.86 12.96
N PHE D 138 -40.88 -4.30 13.88
CA PHE D 138 -41.29 -5.71 14.02
C PHE D 138 -42.73 -5.95 13.66
N THR D 139 -43.00 -7.22 13.37
CA THR D 139 -44.32 -7.77 13.35
C THR D 139 -44.25 -9.09 14.12
N GLY D 140 -45.43 -9.62 14.50
CA GLY D 140 -45.46 -10.88 15.28
C GLY D 140 -44.86 -10.71 16.66
N SER D 141 -44.39 -11.82 17.25
CA SER D 141 -43.88 -11.79 18.64
C SER D 141 -42.38 -11.45 18.73
N LEU D 142 -41.73 -11.34 17.57
CA LEU D 142 -40.31 -11.00 17.51
C LEU D 142 -40.08 -9.56 17.95
N ASN D 143 -39.17 -9.39 18.91
CA ASN D 143 -38.77 -8.09 19.42
C ASN D 143 -37.26 -8.13 19.71
N THR D 144 -36.48 -7.62 18.77
CA THR D 144 -35.01 -7.56 18.87
C THR D 144 -34.55 -6.37 19.73
N GLY D 145 -35.49 -5.50 20.12
CA GLY D 145 -35.15 -4.18 20.67
C GLY D 145 -34.42 -3.39 19.60
N SER D 146 -33.80 -2.29 19.99
CA SER D 146 -32.97 -1.51 19.06
C SER D 146 -31.74 -2.29 18.57
N ILE D 147 -31.19 -1.86 17.45
CA ILE D 147 -30.10 -2.60 16.79
C ILE D 147 -28.99 -1.64 16.45
N ASP D 148 -27.78 -1.91 16.95
CA ASP D 148 -26.60 -1.14 16.55
C ASP D 148 -25.89 -1.86 15.41
N VAL D 149 -25.35 -1.10 14.49
CA VAL D 149 -24.64 -1.61 13.31
C VAL D 149 -23.22 -1.08 13.25
N ARG D 150 -22.27 -2.01 13.25
CA ARG D 150 -20.87 -1.73 13.07
C ARG D 150 -20.51 -1.99 11.63
N MET D 151 -19.80 -1.04 11.06
CA MET D 151 -19.48 -1.03 9.64
C MET D 151 -17.96 -0.96 9.47
N GLN D 152 -17.45 -1.97 8.77
CA GLN D 152 -16.00 -2.17 8.67
C GLN D 152 -15.63 -2.71 7.31
N VAL D 153 -14.92 -1.90 6.54
CA VAL D 153 -14.23 -2.38 5.33
C VAL D 153 -13.16 -3.39 5.76
N THR D 154 -13.18 -4.58 5.14
CA THR D 154 -12.39 -5.73 5.58
C THR D 154 -11.74 -6.47 4.38
N PRO D 155 -10.47 -6.88 4.53
CA PRO D 155 -9.90 -7.85 3.60
C PRO D 155 -10.45 -9.27 3.80
N VAL D 156 -10.89 -9.87 2.69
CA VAL D 156 -11.55 -11.16 2.70
C VAL D 156 -10.72 -12.02 1.76
N LEU D 157 -10.18 -13.11 2.29
CA LEU D 157 -9.46 -14.08 1.47
C LEU D 157 -10.49 -15.07 0.96
N ALA D 158 -10.76 -14.99 -0.33
CA ALA D 158 -11.71 -15.85 -0.99
C ALA D 158 -11.13 -17.26 -1.23
N THR D 159 -12.01 -18.20 -1.57
CA THR D 159 -11.59 -19.57 -1.86
C THR D 159 -10.70 -19.67 -3.10
N ASN D 160 -10.66 -18.63 -3.94
CA ASN D 160 -9.67 -18.61 -5.03
C ASN D 160 -8.28 -18.10 -4.56
N ASN D 161 -8.12 -18.00 -3.26
CA ASN D 161 -6.93 -17.42 -2.63
C ASN D 161 -6.54 -15.97 -2.98
N THR D 162 -7.47 -15.22 -3.55
CA THR D 162 -7.27 -13.79 -3.73
C THR D 162 -7.96 -13.06 -2.60
N THR D 163 -7.30 -12.01 -2.13
CA THR D 163 -7.85 -11.13 -1.10
C THR D 163 -8.66 -9.99 -1.71
N TYR D 164 -9.87 -9.78 -1.22
CA TYR D 164 -10.78 -8.74 -1.75
C TYR D 164 -11.23 -7.84 -0.62
N ASN D 165 -11.41 -6.55 -0.89
CA ASN D 165 -11.94 -5.65 0.11
C ASN D 165 -13.45 -5.56 -0.02
N LEU D 166 -14.15 -5.92 1.05
CA LEU D 166 -15.61 -5.85 1.12
C LEU D 166 -16.02 -5.01 2.32
N ILE D 167 -17.32 -4.81 2.50
CA ILE D 167 -17.84 -4.12 3.69
C ILE D 167 -18.65 -5.06 4.55
N ALA D 168 -18.22 -5.25 5.80
CA ALA D 168 -18.94 -6.07 6.75
C ALA D 168 -19.84 -5.16 7.58
N PHE D 169 -21.12 -5.54 7.66
CA PHE D 169 -22.09 -4.91 8.53
C PHE D 169 -22.50 -5.93 9.56
N THR D 170 -22.26 -5.66 10.84
CA THR D 170 -22.71 -6.56 11.87
C THR D 170 -23.82 -5.86 12.68
N PHE D 171 -24.97 -6.51 12.69
CA PHE D 171 -26.18 -6.03 13.32
C PHE D 171 -26.22 -6.61 14.72
N GLN D 172 -26.28 -5.72 15.72
CA GLN D 172 -26.15 -6.09 17.11
C GLN D 172 -27.48 -5.78 17.81
N CYS D 173 -28.31 -6.79 17.98
CA CYS D 173 -29.62 -6.63 18.63
C CYS D 173 -29.47 -6.49 20.15
N ALA D 174 -30.31 -5.66 20.75
CA ALA D 174 -30.40 -5.52 22.22
C ALA D 174 -30.95 -6.80 22.88
N SER D 175 -31.87 -7.47 22.20
CA SER D 175 -32.50 -8.67 22.73
C SER D 175 -32.41 -9.85 21.79
N ALA D 176 -32.22 -11.02 22.39
CA ALA D 176 -32.29 -12.30 21.71
C ALA D 176 -33.75 -12.58 21.30
N GLY D 177 -33.93 -13.51 20.37
CA GLY D 177 -35.26 -13.87 19.88
C GLY D 177 -35.23 -14.25 18.41
N LEU D 178 -34.45 -13.50 17.61
CA LEU D 178 -34.44 -13.71 16.16
C LEU D 178 -34.06 -15.16 15.81
N PHE D 179 -33.20 -15.77 16.64
CA PHE D 179 -32.73 -17.11 16.36
C PHE D 179 -33.31 -18.17 17.29
N ASN D 180 -34.42 -17.82 17.95
CA ASN D 180 -35.16 -18.75 18.79
C ASN D 180 -36.35 -19.32 18.02
N PRO D 181 -36.39 -20.66 17.77
CA PRO D 181 -37.47 -21.20 16.91
C PRO D 181 -38.90 -21.08 17.46
N THR D 182 -39.07 -20.73 18.72
CA THR D 182 -40.41 -20.48 19.25
C THR D 182 -40.84 -19.00 19.08
N VAL D 183 -40.02 -18.19 18.42
CA VAL D 183 -40.31 -16.77 18.21
C VAL D 183 -40.52 -16.57 16.73
N ASN D 184 -41.67 -16.00 16.39
CA ASN D 184 -42.11 -15.87 15.03
C ASN D 184 -42.41 -14.39 14.77
N GLY D 185 -42.15 -13.93 13.55
CA GLY D 185 -42.40 -12.54 13.18
C GLY D 185 -41.41 -12.08 12.13
N THR D 186 -41.24 -10.76 12.03
CA THR D 186 -40.31 -10.18 11.07
C THR D 186 -39.62 -9.01 11.75
N VAL D 187 -38.45 -8.65 11.23
CA VAL D 187 -37.75 -7.44 11.62
C VAL D 187 -37.16 -6.81 10.35
N ALA D 188 -37.32 -5.49 10.23
CA ALA D 188 -36.88 -4.74 9.08
C ALA D 188 -36.15 -3.50 9.59
N ILE D 189 -35.00 -3.22 9.00
CA ILE D 189 -34.11 -2.18 9.49
C ILE D 189 -33.60 -1.38 8.32
N GLY D 190 -33.49 -0.09 8.54
CA GLY D 190 -32.89 0.79 7.56
C GLY D 190 -33.62 2.11 7.43
N PRO D 191 -33.13 2.97 6.52
CA PRO D 191 -31.93 2.74 5.72
C PRO D 191 -30.66 2.87 6.58
N VAL D 192 -29.74 1.88 6.46
CA VAL D 192 -28.48 1.89 7.16
C VAL D 192 -27.51 2.49 6.17
N VAL D 193 -26.99 3.69 6.47
CA VAL D 193 -26.13 4.39 5.54
C VAL D 193 -24.68 4.42 6.01
N HIS D 194 -23.77 3.96 5.14
CA HIS D 194 -22.36 3.92 5.43
C HIS D 194 -21.62 4.70 4.37
N THR D 195 -20.66 5.52 4.80
CA THR D 195 -19.71 6.16 3.87
C THR D 195 -18.28 5.76 4.16
N CYS D 196 -17.53 5.47 3.10
CA CYS D 196 -16.11 5.19 3.14
C CYS D 196 -15.48 5.55 1.78
N PRO D 197 -14.16 5.68 1.74
CA PRO D 197 -13.46 5.82 0.45
C PRO D 197 -13.60 4.61 -0.47
N ALA D 198 -13.83 4.89 -1.74
CA ALA D 198 -13.85 3.90 -2.81
C ALA D 198 -12.43 3.70 -3.28
N ALA D 199 -12.18 2.55 -3.89
CA ALA D 199 -10.89 2.23 -4.45
C ALA D 199 -10.55 3.22 -5.58
N ARG D 200 -11.56 3.78 -6.23
CA ARG D 200 -11.34 4.63 -7.39
C ARG D 200 -12.58 5.45 -7.69
N ALA D 201 -12.41 6.49 -8.50
CA ALA D 201 -13.51 7.26 -9.07
C ALA D 201 -14.18 6.38 -10.13
N PRO D 202 -15.44 6.61 -10.47
CA PRO D 202 -16.11 5.66 -11.38
C PRO D 202 -15.36 5.41 -12.69
N VAL D 203 -15.42 4.18 -13.20
CA VAL D 203 -14.80 3.81 -14.49
C VAL D 203 -15.75 2.95 -15.30
N THR D 204 -15.63 3.04 -16.62
CA THR D 204 -16.50 2.29 -17.54
C THR D 204 -15.87 0.95 -17.84
N VAL D 205 -16.70 0.00 -18.23
CA VAL D 205 -16.23 -1.36 -18.52
C VAL D 205 -15.40 -1.36 -19.79
N THR E 1 8.22 -2.96 -31.43
CA THR E 1 8.93 -1.69 -31.54
C THR E 1 9.69 -1.37 -30.26
N SER E 2 9.15 -1.07 -29.21
CA SER E 2 9.90 -0.74 -27.96
C SER E 2 10.95 -1.82 -27.71
N SER E 3 12.19 -1.38 -27.47
CA SER E 3 13.30 -2.25 -27.14
C SER E 3 13.31 -2.70 -25.65
N VAL E 4 12.41 -2.12 -24.86
CA VAL E 4 12.22 -2.39 -23.43
C VAL E 4 10.73 -2.67 -23.15
N ALA E 5 10.45 -3.68 -22.34
CA ALA E 5 9.10 -3.97 -21.89
C ALA E 5 9.11 -4.55 -20.45
N ALA E 6 7.95 -4.45 -19.78
CA ALA E 6 7.74 -4.84 -18.40
C ALA E 6 6.50 -5.73 -18.22
N PHE E 7 6.61 -6.72 -17.32
CA PHE E 7 5.47 -7.54 -16.88
C PHE E 7 5.40 -7.54 -15.34
N THR E 8 4.20 -7.42 -14.80
CA THR E 8 3.98 -7.37 -13.35
C THR E 8 2.86 -8.29 -12.96
N SER E 9 3.11 -9.13 -11.97
CA SER E 9 2.12 -10.10 -11.53
C SER E 9 2.22 -10.30 -10.03
N GLY E 10 1.11 -10.79 -9.46
CA GLY E 10 1.00 -10.94 -8.00
C GLY E 10 0.43 -9.67 -7.37
N THR E 11 0.72 -9.45 -6.09
CA THR E 11 0.28 -8.25 -5.37
C THR E 11 1.37 -7.69 -4.46
N ILE E 12 1.45 -6.36 -4.39
CA ILE E 12 2.42 -5.69 -3.50
C ILE E 12 2.10 -5.97 -2.03
N GLY E 13 0.82 -6.23 -1.75
CA GLY E 13 0.37 -6.64 -0.43
C GLY E 13 0.97 -7.94 0.10
N LEU E 14 1.46 -8.80 -0.79
CA LEU E 14 1.91 -10.15 -0.42
C LEU E 14 0.92 -10.84 0.52
N SER E 15 -0.36 -10.73 0.18
CA SER E 15 -1.38 -11.33 1.06
CA SER E 15 -1.54 -11.02 0.96
C SER E 15 -2.50 -11.98 0.26
N SER E 16 -2.10 -12.54 -0.87
CA SER E 16 -3.01 -13.22 -1.78
CA SER E 16 -3.01 -13.25 -1.78
C SER E 16 -2.25 -14.51 -2.21
N PRO E 17 -2.36 -15.57 -1.40
CA PRO E 17 -1.55 -16.77 -1.59
C PRO E 17 -2.01 -17.71 -2.73
N THR E 18 -2.01 -17.16 -3.95
CA THR E 18 -2.45 -17.90 -5.11
C THR E 18 -1.29 -18.73 -5.70
N GLY E 19 -0.04 -18.44 -5.31
CA GLY E 19 1.08 -19.23 -5.77
C GLY E 19 1.00 -20.68 -5.28
N ASN E 20 1.19 -21.62 -6.22
CA ASN E 20 1.41 -23.05 -5.92
C ASN E 20 2.91 -23.39 -5.83
N PHE E 21 3.44 -23.41 -4.61
CA PHE E 21 4.84 -23.71 -4.33
C PHE E 21 4.95 -25.11 -3.70
N VAL E 22 6.15 -25.71 -3.70
CA VAL E 22 6.33 -27.09 -3.31
C VAL E 22 7.64 -27.27 -2.50
N SER E 23 7.49 -27.88 -1.33
CA SER E 23 8.64 -28.25 -0.48
C SER E 23 9.41 -29.41 -1.07
N SER E 24 10.68 -29.55 -0.67
CA SER E 24 11.50 -30.69 -1.03
C SER E 24 10.93 -32.08 -0.65
N SER E 25 9.90 -32.11 0.18
CA SER E 25 9.19 -33.35 0.53
C SER E 25 7.95 -33.61 -0.35
N ASN E 26 7.86 -32.85 -1.44
CA ASN E 26 6.81 -33.00 -2.41
C ASN E 26 5.45 -32.63 -1.82
N ASN E 27 5.44 -31.70 -0.87
CA ASN E 27 4.21 -31.16 -0.34
C ASN E 27 3.93 -29.79 -0.94
N PRO E 28 2.85 -29.66 -1.74
CA PRO E 28 2.39 -28.35 -2.19
C PRO E 28 1.88 -27.46 -1.06
N PHE E 29 2.03 -26.15 -1.25
CA PHE E 29 1.49 -25.15 -0.32
C PHE E 29 1.21 -23.84 -1.06
N ASN E 30 0.43 -22.98 -0.40
CA ASN E 30 -0.03 -21.74 -0.96
C ASN E 30 0.84 -20.60 -0.45
N GLY E 31 1.37 -19.81 -1.38
CA GLY E 31 2.16 -18.64 -1.03
C GLY E 31 1.89 -17.43 -1.90
N SER E 32 2.24 -16.26 -1.34
CA SER E 32 2.03 -15.00 -2.02
C SER E 32 3.34 -14.58 -2.75
N TYR E 33 3.20 -13.77 -3.78
CA TYR E 33 4.36 -13.30 -4.51
C TYR E 33 4.04 -11.93 -5.15
N PHE E 34 5.12 -11.28 -5.59
CA PHE E 34 5.04 -10.08 -6.43
C PHE E 34 6.23 -10.19 -7.37
N LEU E 35 5.90 -10.24 -8.66
CA LEU E 35 6.84 -10.48 -9.74
C LEU E 35 6.87 -9.26 -10.66
N GLN E 36 8.04 -8.69 -10.84
CA GLN E 36 8.23 -7.57 -11.73
C GLN E 36 9.41 -7.93 -12.61
N GLN E 37 9.14 -7.97 -13.92
CA GLN E 37 10.11 -8.35 -14.92
C GLN E 37 10.24 -7.27 -15.98
N ILE E 38 11.46 -7.11 -16.48
CA ILE E 38 11.72 -6.24 -17.60
C ILE E 38 12.58 -7.04 -18.59
N ASN E 39 12.31 -6.78 -19.86
CA ASN E 39 13.12 -7.27 -20.97
C ASN E 39 13.73 -6.02 -21.60
N THR E 40 15.05 -5.94 -21.58
CA THR E 40 15.77 -4.85 -22.24
C THR E 40 16.53 -5.51 -23.37
N MET E 41 15.99 -5.36 -24.59
CA MET E 41 16.64 -5.81 -25.82
C MET E 41 17.25 -7.21 -25.70
N GLY E 42 16.44 -8.14 -25.19
CA GLY E 42 16.82 -9.56 -25.10
C GLY E 42 17.45 -10.01 -23.79
N MET E 43 17.58 -9.11 -22.81
CA MET E 43 18.06 -9.47 -21.48
C MET E 43 16.90 -9.38 -20.48
N LEU E 44 16.63 -10.50 -19.81
CA LEU E 44 15.46 -10.62 -18.92
C LEU E 44 15.89 -10.34 -17.48
N THR E 45 15.31 -9.31 -16.86
CA THR E 45 15.52 -9.07 -15.44
C THR E 45 14.21 -9.36 -14.69
N THR E 46 14.33 -10.20 -13.66
CA THR E 46 13.23 -10.62 -12.83
C THR E 46 13.45 -10.20 -11.37
N SER E 47 12.52 -9.42 -10.81
CA SER E 47 12.42 -9.19 -9.36
C SER E 47 11.24 -9.97 -8.75
N LEU E 48 11.53 -10.79 -7.76
CA LEU E 48 10.53 -11.63 -7.11
C LEU E 48 10.55 -11.43 -5.62
N TYR E 49 9.38 -11.13 -5.07
CA TYR E 49 9.14 -11.27 -3.64
C TYR E 49 8.24 -12.50 -3.40
N VAL E 50 8.54 -13.23 -2.34
CA VAL E 50 7.76 -14.39 -1.88
C VAL E 50 7.41 -14.16 -0.42
N LYS E 51 6.19 -14.51 -0.05
CA LYS E 51 5.76 -14.47 1.36
C LYS E 51 4.91 -15.69 1.65
N VAL E 52 5.16 -16.35 2.81
CA VAL E 52 4.40 -17.52 3.22
C VAL E 52 3.88 -17.24 4.63
N ASP E 53 2.57 -17.51 4.81
CA ASP E 53 1.85 -17.28 6.05
C ASP E 53 1.35 -18.65 6.42
N THR E 54 1.82 -19.13 7.57
CA THR E 54 1.51 -20.52 7.96
C THR E 54 -0.02 -20.76 8.05
N THR E 55 -0.77 -19.71 8.35
CA THR E 55 -2.23 -19.84 8.50
C THR E 55 -2.98 -19.92 7.17
N THR E 56 -2.35 -19.54 6.08
CA THR E 56 -3.00 -19.61 4.75
C THR E 56 -2.35 -20.56 3.79
N MET E 57 -1.22 -21.17 4.17
CA MET E 57 -0.43 -21.95 3.22
C MET E 57 -1.02 -23.37 3.02
N GLY E 58 -1.93 -23.78 3.91
CA GLY E 58 -2.56 -25.09 3.85
C GLY E 58 -2.01 -26.04 4.89
N THR E 59 -2.72 -27.16 5.09
CA THR E 59 -2.33 -28.17 6.08
C THR E 59 -0.87 -28.67 5.93
N ARG E 60 -0.11 -28.65 7.02
CA ARG E 60 1.25 -29.21 7.03
C ARG E 60 1.27 -30.59 7.72
N PRO E 61 1.45 -31.69 6.95
CA PRO E 61 1.50 -33.01 7.58
C PRO E 61 2.69 -33.22 8.50
N THR E 62 2.50 -34.10 9.48
CA THR E 62 3.51 -34.43 10.46
C THR E 62 4.46 -35.50 9.90
N GLY E 63 5.52 -35.78 10.65
CA GLY E 63 6.50 -36.77 10.28
C GLY E 63 7.80 -36.10 9.97
N ALA E 64 8.91 -36.73 10.31
CA ALA E 64 10.24 -36.14 10.12
C ALA E 64 10.43 -35.69 8.67
N VAL E 65 10.09 -36.52 7.69
CA VAL E 65 10.39 -36.18 6.27
C VAL E 65 9.71 -34.88 5.84
N ASN E 66 8.47 -34.70 6.25
CA ASN E 66 7.69 -33.51 5.93
C ASN E 66 8.13 -32.26 6.69
N GLU E 67 8.27 -32.39 8.01
CA GLU E 67 8.53 -31.25 8.90
C GLU E 67 9.96 -30.72 8.87
N ASN E 68 10.95 -31.56 8.54
CA ASN E 68 12.35 -31.16 8.52
C ASN E 68 12.81 -30.55 7.16
N ALA E 69 11.93 -30.55 6.17
CA ALA E 69 12.17 -29.97 4.85
C ALA E 69 12.61 -28.48 4.97
N ARG E 70 13.72 -28.16 4.32
CA ARG E 70 14.26 -26.81 4.33
C ARG E 70 14.19 -26.08 2.99
N TYR E 71 13.93 -26.80 1.91
CA TYR E 71 13.96 -26.21 0.57
C TYR E 71 12.58 -26.20 0.00
N PHE E 72 12.32 -25.20 -0.85
CA PHE E 72 11.10 -25.12 -1.63
C PHE E 72 11.30 -24.37 -2.94
N THR E 73 10.48 -24.71 -3.93
CA THR E 73 10.67 -24.21 -5.28
C THR E 73 9.49 -23.38 -5.73
N VAL E 74 9.82 -22.29 -6.43
CA VAL E 74 8.83 -21.45 -7.09
C VAL E 74 9.18 -21.37 -8.56
N TRP E 75 8.22 -21.65 -9.43
CA TRP E 75 8.45 -21.59 -10.88
C TRP E 75 7.94 -20.27 -11.42
N VAL E 76 8.80 -19.52 -12.11
CA VAL E 76 8.31 -18.33 -12.86
C VAL E 76 8.13 -18.71 -14.33
N SER E 77 6.94 -18.41 -14.84
CA SER E 77 6.50 -18.77 -16.16
C SER E 77 6.00 -17.55 -16.93
N SER E 78 6.15 -17.64 -18.25
CA SER E 78 5.57 -16.72 -19.25
C SER E 78 4.48 -17.44 -20.04
N PHE E 79 4.25 -18.72 -19.74
CA PHE E 79 3.24 -19.58 -20.41
C PHE E 79 2.13 -19.89 -19.39
N LEU E 80 1.28 -18.91 -19.16
CA LEU E 80 0.46 -18.91 -17.98
C LEU E 80 -0.69 -19.90 -18.07
N THR E 81 -1.01 -20.36 -19.28
CA THR E 81 -2.04 -21.35 -19.45
C THR E 81 -1.46 -22.74 -19.74
N GLN E 82 -0.41 -22.83 -20.56
CA GLN E 82 0.09 -24.11 -21.05
C GLN E 82 1.14 -24.75 -20.14
N CYS E 83 1.95 -23.94 -19.46
CA CYS E 83 2.98 -24.51 -18.56
C CYS E 83 3.31 -23.56 -17.39
N ASN E 84 2.62 -23.73 -16.28
CA ASN E 84 2.63 -22.77 -15.18
C ASN E 84 2.50 -23.53 -13.85
N PRO E 85 3.53 -24.32 -13.47
CA PRO E 85 3.44 -25.16 -12.27
C PRO E 85 3.07 -24.42 -10.97
N SER E 86 3.57 -23.19 -10.79
CA SER E 86 3.32 -22.39 -9.58
C SER E 86 2.17 -21.37 -9.70
N ASN E 87 1.42 -21.42 -10.80
CA ASN E 87 0.22 -20.61 -10.95
C ASN E 87 0.48 -19.10 -10.85
N ILE E 88 1.51 -18.63 -11.55
CA ILE E 88 1.71 -17.19 -11.79
C ILE E 88 0.42 -16.67 -12.48
N GLY E 89 -0.13 -15.60 -11.91
CA GLY E 89 -1.36 -15.04 -12.36
C GLY E 89 -1.21 -14.12 -13.56
N GLN E 90 -2.32 -13.91 -14.27
CA GLN E 90 -2.39 -12.89 -15.29
C GLN E 90 -2.01 -11.56 -14.65
N GLY E 91 -1.29 -10.75 -15.39
CA GLY E 91 -0.75 -9.52 -14.85
C GLY E 91 -0.90 -8.37 -15.81
N THR E 92 -0.03 -7.38 -15.65
CA THR E 92 -0.05 -6.17 -16.41
C THR E 92 1.19 -6.08 -17.28
N LEU E 93 0.97 -5.79 -18.57
CA LEU E 93 2.03 -5.66 -19.58
C LEU E 93 2.20 -4.21 -19.91
N GLU E 94 3.46 -3.77 -20.01
CA GLU E 94 3.83 -2.44 -20.50
C GLU E 94 4.90 -2.52 -21.60
N PRO E 95 4.60 -1.98 -22.80
CA PRO E 95 3.33 -1.38 -23.18
C PRO E 95 2.20 -2.41 -23.28
N SER E 96 0.98 -1.95 -23.26
CA SER E 96 -0.15 -2.85 -23.08
C SER E 96 -0.35 -3.92 -24.19
N ASN E 97 0.25 -3.69 -25.35
CA ASN E 97 0.16 -4.64 -26.46
C ASN E 97 1.40 -5.52 -26.64
N ILE E 98 2.30 -5.52 -25.65
CA ILE E 98 3.46 -6.37 -25.76
C ILE E 98 3.04 -7.86 -25.54
N SER E 99 3.71 -8.79 -26.19
CA SER E 99 3.40 -10.22 -26.05
C SER E 99 4.05 -10.81 -24.79
N MET E 100 3.36 -11.71 -24.09
CA MET E 100 3.98 -12.49 -23.00
C MET E 100 5.26 -13.20 -23.44
N THR E 101 5.33 -13.56 -24.72
CA THR E 101 6.53 -14.24 -25.22
C THR E 101 7.76 -13.36 -25.07
N SER E 102 7.57 -12.06 -24.86
CA SER E 102 8.67 -11.14 -24.52
C SER E 102 9.35 -11.46 -23.18
N PHE E 103 8.73 -12.29 -22.34
CA PHE E 103 9.28 -12.63 -21.01
C PHE E 103 9.71 -14.07 -20.88
N GLU E 104 9.78 -14.76 -22.02
CA GLU E 104 10.30 -16.11 -22.13
C GLU E 104 11.80 -16.10 -21.98
N PRO E 105 12.34 -16.91 -21.06
CA PRO E 105 13.80 -16.99 -21.02
C PRO E 105 14.29 -17.80 -22.24
N ALA E 106 15.52 -17.54 -22.68
CA ALA E 106 16.16 -18.32 -23.74
C ALA E 106 16.57 -19.68 -23.21
N ARG E 107 16.55 -20.69 -24.09
CA ARG E 107 16.90 -22.05 -23.69
C ARG E 107 18.23 -21.99 -23.00
N ASN E 108 18.36 -22.67 -21.86
CA ASN E 108 19.62 -22.74 -21.14
C ASN E 108 20.60 -23.69 -21.84
N PRO E 109 21.70 -23.13 -22.41
CA PRO E 109 22.63 -23.94 -23.17
C PRO E 109 23.43 -24.93 -22.35
N ILE E 110 23.44 -24.79 -21.01
CA ILE E 110 24.13 -25.79 -20.19
C ILE E 110 23.30 -27.09 -20.01
N SER E 111 22.05 -27.08 -20.48
CA SER E 111 21.14 -28.26 -20.53
C SER E 111 20.96 -29.01 -19.21
N PRO E 112 20.28 -28.39 -18.24
CA PRO E 112 20.02 -29.03 -16.96
C PRO E 112 18.85 -30.02 -17.10
N PRO E 113 18.66 -30.90 -16.09
CA PRO E 113 17.67 -31.98 -16.25
C PRO E 113 16.28 -31.40 -16.45
N VAL E 114 15.46 -32.01 -17.29
CA VAL E 114 14.12 -31.47 -17.53
C VAL E 114 13.18 -31.76 -16.35
N PHE E 115 12.30 -30.81 -16.07
CA PHE E 115 11.24 -31.00 -15.12
C PHE E 115 10.07 -31.58 -15.88
N ASN E 116 9.76 -32.85 -15.60
CA ASN E 116 8.68 -33.53 -16.27
C ASN E 116 7.43 -33.46 -15.42
N MET E 117 6.46 -32.68 -15.87
CA MET E 117 5.24 -32.45 -15.09
C MET E 117 4.34 -33.70 -15.07
N ASN E 118 4.57 -34.61 -16.01
CA ASN E 118 3.75 -35.82 -16.16
C ASN E 118 4.06 -36.92 -15.18
N GLN E 119 5.16 -36.77 -14.47
CA GLN E 119 5.61 -37.75 -13.48
C GLN E 119 4.80 -37.65 -12.18
N ASN E 120 4.00 -36.58 -12.02
CA ASN E 120 3.24 -36.35 -10.80
C ASN E 120 4.14 -36.31 -9.55
N ILE E 121 5.38 -35.79 -9.72
CA ILE E 121 6.34 -35.49 -8.63
C ILE E 121 6.50 -33.95 -8.63
N PRO E 122 5.80 -33.25 -7.73
CA PRO E 122 5.72 -31.81 -7.91
C PRO E 122 6.97 -30.93 -7.59
N TYR E 123 7.92 -31.47 -6.84
CA TYR E 123 9.10 -30.74 -6.44
C TYR E 123 10.25 -31.02 -7.40
N TYR E 124 10.89 -29.94 -7.84
CA TYR E 124 12.07 -29.97 -8.65
C TYR E 124 13.10 -29.12 -7.94
N ALA E 125 14.31 -29.63 -7.72
CA ALA E 125 15.38 -28.86 -7.08
C ALA E 125 16.19 -28.04 -8.09
N SER E 126 16.10 -26.71 -8.04
CA SER E 126 16.98 -25.84 -8.86
C SER E 126 18.41 -26.05 -8.38
N ARG E 127 19.33 -26.37 -9.29
CA ARG E 127 20.71 -26.73 -8.94
C ARG E 127 21.83 -25.96 -9.67
N PHE E 128 21.59 -25.57 -10.92
CA PHE E 128 22.65 -25.15 -11.85
C PHE E 128 22.46 -23.73 -12.29
N GLY E 129 23.28 -22.85 -11.76
CA GLY E 129 23.15 -21.41 -11.97
C GLY E 129 23.64 -20.70 -10.74
N VAL E 130 23.30 -19.41 -10.64
CA VAL E 130 23.78 -18.56 -9.55
C VAL E 130 23.08 -18.95 -8.25
N LEU E 131 23.78 -18.85 -7.14
CA LEU E 131 23.19 -18.90 -5.79
C LEU E 131 23.35 -17.54 -5.10
N GLU E 132 22.24 -16.85 -4.84
CA GLU E 132 22.28 -15.58 -4.09
C GLU E 132 21.80 -15.78 -2.65
N SER E 133 22.38 -15.02 -1.71
CA SER E 133 22.09 -15.12 -0.27
C SER E 133 21.22 -13.98 0.23
N TYR E 134 20.12 -14.30 0.94
CA TYR E 134 19.16 -13.34 1.53
C TYR E 134 18.91 -13.59 2.99
N ARG E 135 18.68 -12.55 3.76
CA ARG E 135 18.07 -12.66 5.05
C ARG E 135 16.61 -12.22 4.88
N PRO E 136 15.65 -13.09 5.20
CA PRO E 136 14.26 -12.74 5.17
C PRO E 136 13.76 -12.12 6.46
N ILE E 137 12.51 -11.68 6.48
CA ILE E 137 11.89 -11.15 7.69
C ILE E 137 10.79 -12.10 8.14
N PHE E 138 10.76 -12.38 9.44
CA PHE E 138 9.71 -13.21 10.03
C PHE E 138 8.79 -12.49 10.95
N THR E 139 7.60 -13.09 11.13
CA THR E 139 6.76 -12.85 12.28
C THR E 139 6.49 -14.21 12.96
N GLY E 140 6.14 -14.16 14.24
CA GLY E 140 5.75 -15.39 14.94
C GLY E 140 6.95 -16.10 15.47
N SER E 141 6.82 -17.40 15.72
CA SER E 141 7.95 -18.21 16.17
C SER E 141 8.76 -18.81 15.01
N LEU E 142 8.20 -18.75 13.79
CA LEU E 142 8.88 -19.23 12.61
C LEU E 142 10.23 -18.53 12.44
N ASN E 143 11.28 -19.33 12.24
CA ASN E 143 12.60 -18.83 12.06
C ASN E 143 13.37 -19.78 11.16
N THR E 144 13.54 -19.36 9.92
CA THR E 144 14.14 -20.17 8.85
C THR E 144 15.63 -19.90 8.78
N GLY E 145 16.12 -18.93 9.53
CA GLY E 145 17.46 -18.40 9.31
C GLY E 145 17.56 -17.69 7.96
N SER E 146 18.79 -17.48 7.52
CA SER E 146 19.05 -16.97 6.17
C SER E 146 18.60 -17.99 5.13
N ILE E 147 18.27 -17.48 3.93
CA ILE E 147 17.76 -18.27 2.85
C ILE E 147 18.63 -17.98 1.61
N ASP E 148 19.28 -19.00 1.03
CA ASP E 148 19.93 -18.85 -0.27
C ASP E 148 18.96 -19.26 -1.32
N VAL E 149 19.06 -18.63 -2.49
CA VAL E 149 18.14 -18.90 -3.62
C VAL E 149 18.93 -19.27 -4.87
N ARG E 150 18.65 -20.47 -5.39
CA ARG E 150 19.28 -20.95 -6.61
C ARG E 150 18.34 -20.73 -7.78
N MET E 151 18.90 -20.23 -8.87
CA MET E 151 18.12 -19.72 -10.00
C MET E 151 18.58 -20.40 -11.29
N GLN E 152 17.64 -21.11 -11.94
CA GLN E 152 17.96 -21.99 -13.06
C GLN E 152 16.85 -21.94 -14.10
N VAL E 153 17.17 -21.40 -15.29
CA VAL E 153 16.29 -21.61 -16.44
C VAL E 153 16.35 -23.13 -16.81
N THR E 154 15.17 -23.70 -17.01
CA THR E 154 15.00 -25.15 -17.09
C THR E 154 13.96 -25.49 -18.13
N PRO E 155 14.24 -26.52 -18.95
CA PRO E 155 13.21 -27.08 -19.81
C PRO E 155 12.19 -27.88 -18.99
N VAL E 156 10.92 -27.67 -19.26
CA VAL E 156 9.83 -28.31 -18.55
C VAL E 156 8.92 -29.07 -19.54
N LEU E 157 8.76 -30.37 -19.34
CA LEU E 157 7.85 -31.13 -20.21
C LEU E 157 6.46 -30.94 -19.61
N ALA E 158 5.66 -30.16 -20.32
CA ALA E 158 4.32 -29.81 -19.89
C ALA E 158 3.37 -30.97 -20.05
N THR E 159 2.19 -30.85 -19.47
CA THR E 159 1.21 -31.92 -19.54
C THR E 159 0.64 -32.16 -20.94
N ASN E 160 0.89 -31.26 -21.89
CA ASN E 160 0.55 -31.48 -23.28
C ASN E 160 1.75 -32.05 -24.05
N ASN E 161 2.85 -32.35 -23.35
CA ASN E 161 4.08 -32.88 -23.91
C ASN E 161 4.86 -31.96 -24.90
N THR E 162 4.59 -30.66 -24.82
CA THR E 162 5.48 -29.64 -25.37
C THR E 162 6.45 -29.26 -24.25
N THR E 163 7.70 -29.01 -24.65
CA THR E 163 8.74 -28.60 -23.76
C THR E 163 8.82 -27.06 -23.76
N TYR E 164 8.75 -26.48 -22.57
CA TYR E 164 8.79 -25.03 -22.39
C TYR E 164 9.95 -24.63 -21.46
N ASN E 165 10.55 -23.46 -21.71
CA ASN E 165 11.61 -22.97 -20.82
C ASN E 165 11.03 -22.00 -19.79
N LEU E 166 11.27 -22.32 -18.51
CA LEU E 166 10.79 -21.56 -17.33
C LEU E 166 11.99 -21.29 -16.43
N ILE E 167 11.79 -20.52 -15.35
CA ILE E 167 12.84 -20.25 -14.35
C ILE E 167 12.46 -20.90 -13.01
N ALA E 168 13.35 -21.76 -12.52
CA ALA E 168 13.16 -22.38 -11.20
C ALA E 168 13.95 -21.60 -10.18
N PHE E 169 13.27 -21.22 -9.10
CA PHE E 169 13.88 -20.60 -7.96
C PHE E 169 13.71 -21.58 -6.80
N THR E 170 14.79 -22.10 -6.26
CA THR E 170 14.72 -22.93 -5.06
C THR E 170 15.31 -22.17 -3.88
N PHE E 171 14.46 -21.98 -2.88
CA PHE E 171 14.77 -21.27 -1.67
C PHE E 171 15.26 -22.29 -0.61
N GLN E 172 16.46 -22.05 -0.12
CA GLN E 172 17.15 -22.98 0.73
C GLN E 172 17.30 -22.37 2.12
N CYS E 173 16.45 -22.80 3.03
CA CYS E 173 16.49 -22.28 4.43
C CYS E 173 17.62 -22.87 5.27
N ALA E 174 18.21 -22.07 6.15
CA ALA E 174 19.19 -22.54 7.11
C ALA E 174 18.59 -23.48 8.17
N SER E 175 17.37 -23.18 8.59
CA SER E 175 16.65 -23.91 9.62
C SER E 175 15.32 -24.40 9.11
N ALA E 176 14.94 -25.60 9.58
CA ALA E 176 13.61 -26.15 9.39
C ALA E 176 12.59 -25.36 10.22
N GLY E 177 11.31 -25.55 9.91
CA GLY E 177 10.23 -24.92 10.62
C GLY E 177 9.06 -24.53 9.77
N LEU E 178 9.34 -24.05 8.55
CA LEU E 178 8.28 -23.62 7.65
C LEU E 178 7.25 -24.70 7.34
N PHE E 179 7.70 -25.93 7.30
CA PHE E 179 6.81 -27.05 7.05
C PHE E 179 6.50 -27.90 8.30
N ASN E 180 6.71 -27.31 9.47
CA ASN E 180 6.36 -27.93 10.75
C ASN E 180 5.05 -27.40 11.26
N PRO E 181 3.97 -28.23 11.35
CA PRO E 181 2.67 -27.69 11.77
C PRO E 181 2.58 -27.10 13.20
N THR E 182 3.62 -27.28 14.01
CA THR E 182 3.66 -26.69 15.36
C THR E 182 4.39 -25.33 15.36
N VAL E 183 4.87 -24.89 14.18
CA VAL E 183 5.65 -23.63 14.06
C VAL E 183 4.82 -22.64 13.21
N ASN E 184 4.49 -21.49 13.80
CA ASN E 184 3.58 -20.54 13.18
C ASN E 184 4.21 -19.19 12.98
N GLY E 185 3.79 -18.53 11.91
CA GLY E 185 4.26 -17.19 11.58
C GLY E 185 4.20 -16.87 10.10
N THR E 186 5.05 -15.93 9.70
CA THR E 186 5.21 -15.54 8.32
C THR E 186 6.70 -15.41 8.05
N VAL E 187 7.08 -15.66 6.81
CA VAL E 187 8.40 -15.36 6.28
C VAL E 187 8.20 -14.61 4.95
N ALA E 188 8.91 -13.50 4.82
CA ALA E 188 8.91 -12.72 3.58
C ALA E 188 10.36 -12.49 3.11
N ILE E 189 10.59 -12.73 1.83
CA ILE E 189 11.91 -12.65 1.25
C ILE E 189 11.88 -11.82 -0.05
N GLY E 190 12.96 -11.06 -0.26
CA GLY E 190 13.15 -10.28 -1.45
C GLY E 190 13.69 -8.87 -1.26
N PRO E 191 13.86 -8.12 -2.37
CA PRO E 191 13.65 -8.59 -3.74
C PRO E 191 14.75 -9.54 -4.17
N VAL E 192 14.34 -10.68 -4.71
CA VAL E 192 15.22 -11.67 -5.29
C VAL E 192 15.27 -11.32 -6.76
N VAL E 193 16.46 -10.93 -7.20
CA VAL E 193 16.67 -10.43 -8.56
C VAL E 193 17.57 -11.36 -9.36
N HIS E 194 17.03 -11.75 -10.52
CA HIS E 194 17.66 -12.67 -11.45
C HIS E 194 17.79 -12.02 -12.83
N THR E 195 18.93 -12.22 -13.47
CA THR E 195 19.13 -11.82 -14.88
C THR E 195 19.58 -13.03 -15.70
N CYS E 196 18.91 -13.22 -16.83
CA CYS E 196 19.27 -14.24 -17.81
C CYS E 196 18.90 -13.73 -19.20
N PRO E 197 19.50 -14.32 -20.24
CA PRO E 197 19.06 -13.99 -21.60
C PRO E 197 17.59 -14.31 -21.86
N ALA E 198 16.89 -13.38 -22.49
CA ALA E 198 15.55 -13.68 -22.97
C ALA E 198 15.62 -14.48 -24.31
N ALA E 199 14.54 -15.15 -24.68
CA ALA E 199 14.47 -15.82 -26.00
C ALA E 199 14.45 -14.81 -27.18
N ARG E 200 13.94 -13.61 -26.95
CA ARG E 200 13.89 -12.58 -27.99
C ARG E 200 13.89 -11.19 -27.33
N ALA E 201 14.12 -10.15 -28.15
CA ALA E 201 13.84 -8.79 -27.75
C ALA E 201 12.33 -8.68 -27.70
N PRO E 202 11.79 -7.63 -27.07
CA PRO E 202 10.35 -7.53 -26.99
C PRO E 202 9.62 -7.43 -28.34
N VAL E 203 8.45 -8.06 -28.41
CA VAL E 203 7.59 -8.12 -29.60
C VAL E 203 6.14 -7.87 -29.18
N THR E 204 5.36 -7.20 -30.04
CA THR E 204 3.95 -6.96 -29.81
C THR E 204 3.13 -8.18 -30.26
N VAL E 205 1.89 -8.28 -29.75
CA VAL E 205 0.98 -9.35 -30.14
C VAL E 205 0.48 -9.13 -31.57
N THR F 1 8.50 10.34 -23.58
CA THR F 1 9.54 10.40 -22.56
C THR F 1 10.25 9.05 -22.43
N SER F 2 11.22 9.13 -22.26
CA SER F 2 12.04 7.94 -22.25
C SER F 2 11.56 6.99 -21.19
N SER F 3 11.65 5.69 -21.49
CA SER F 3 11.45 4.67 -20.49
C SER F 3 12.74 4.28 -19.80
N VAL F 4 13.86 4.90 -20.19
CA VAL F 4 15.15 4.75 -19.52
C VAL F 4 15.66 6.11 -19.07
N ALA F 5 16.28 6.16 -17.88
CA ALA F 5 16.85 7.41 -17.31
C ALA F 5 18.07 7.12 -16.42
N ALA F 6 18.96 8.11 -16.27
CA ALA F 6 20.17 7.94 -15.50
C ALA F 6 20.40 9.09 -14.51
N PHE F 7 21.09 8.76 -13.40
CA PHE F 7 21.54 9.74 -12.38
C PHE F 7 22.93 9.40 -11.98
N THR F 8 23.77 10.43 -11.84
CA THR F 8 25.16 10.26 -11.51
C THR F 8 25.50 11.29 -10.45
N SER F 9 26.17 10.86 -9.36
CA SER F 9 26.55 11.75 -8.27
C SER F 9 27.89 11.33 -7.72
N GLY F 10 28.60 12.28 -7.15
CA GLY F 10 29.91 12.01 -6.56
C GLY F 10 30.99 12.27 -7.60
N THR F 11 32.17 11.71 -7.36
CA THR F 11 33.31 11.92 -8.26
C THR F 11 33.96 10.60 -8.61
N ILE F 12 34.29 10.42 -9.90
CA ILE F 12 35.07 9.25 -10.33
C ILE F 12 36.43 9.18 -9.65
N GLY F 13 36.98 10.32 -9.32
CA GLY F 13 38.28 10.38 -8.65
C GLY F 13 38.31 9.78 -7.25
N LEU F 14 37.12 9.66 -6.64
CA LEU F 14 36.98 9.10 -5.28
C LEU F 14 37.92 9.83 -4.31
N SER F 15 37.92 11.15 -4.39
CA SER F 15 38.83 11.98 -3.60
C SER F 15 38.20 13.28 -3.17
N SER F 16 36.90 13.21 -2.90
CA SER F 16 36.14 14.31 -2.41
C SER F 16 35.22 13.79 -1.28
N PRO F 17 35.75 13.76 -0.03
CA PRO F 17 35.11 12.99 1.05
C PRO F 17 33.96 13.72 1.69
N THR F 18 32.90 13.95 0.92
CA THR F 18 31.73 14.70 1.37
C THR F 18 30.61 13.78 1.85
N GLY F 19 30.74 12.47 1.61
CA GLY F 19 29.74 11.53 2.11
C GLY F 19 29.84 11.41 3.61
N ASN F 20 28.70 11.31 4.28
CA ASN F 20 28.67 11.22 5.75
C ASN F 20 28.22 9.81 6.10
N PHE F 21 29.16 8.96 6.50
CA PHE F 21 28.87 7.58 6.78
C PHE F 21 29.01 7.34 8.30
N VAL F 22 28.48 6.22 8.79
CA VAL F 22 28.45 5.91 10.22
C VAL F 22 28.84 4.50 10.50
N SER F 23 29.79 4.32 11.43
CA SER F 23 30.17 3.02 11.90
C SER F 23 29.17 2.42 12.86
N SER F 24 29.27 1.10 13.03
CA SER F 24 28.52 0.35 14.03
C SER F 24 28.72 0.76 15.50
N SER F 25 29.71 1.59 15.78
CA SER F 25 29.86 2.16 17.12
C SER F 25 29.32 3.58 17.20
N ASN F 26 28.48 3.94 16.24
CA ASN F 26 27.80 5.21 16.16
C ASN F 26 28.71 6.41 16.01
N ASN F 27 29.80 6.20 15.28
CA ASN F 27 30.72 7.29 14.99
C ASN F 27 30.65 7.68 13.51
N PRO F 28 30.35 8.96 13.22
CA PRO F 28 30.34 9.42 11.87
C PRO F 28 31.74 9.59 11.31
N PHE F 29 31.82 9.52 10.00
CA PHE F 29 33.07 9.73 9.30
C PHE F 29 32.77 10.12 7.86
N ASN F 30 33.79 10.63 7.19
CA ASN F 30 33.65 11.09 5.83
C ASN F 30 34.29 10.11 4.85
N GLY F 31 33.56 9.86 3.77
CA GLY F 31 34.05 9.10 2.66
C GLY F 31 33.69 9.70 1.31
N SER F 32 34.37 9.18 0.30
CA SER F 32 34.16 9.56 -1.08
C SER F 32 33.27 8.46 -1.70
N TYR F 33 32.53 8.79 -2.74
CA TYR F 33 31.63 7.86 -3.40
C TYR F 33 31.43 8.30 -4.86
N PHE F 34 31.06 7.32 -5.68
CA PHE F 34 30.63 7.56 -7.04
C PHE F 34 29.40 6.69 -7.29
N LEU F 35 28.28 7.36 -7.53
CA LEU F 35 26.99 6.74 -7.64
C LEU F 35 26.45 6.95 -9.06
N GLN F 36 26.14 5.84 -9.73
CA GLN F 36 25.51 5.85 -11.03
C GLN F 36 24.30 4.92 -11.02
N GLN F 37 23.15 5.49 -11.28
CA GLN F 37 21.93 4.75 -11.25
C GLN F 37 21.21 4.82 -12.60
N ILE F 38 20.48 3.78 -12.91
CA ILE F 38 19.56 3.83 -14.03
C ILE F 38 18.21 3.27 -13.64
N ASN F 39 17.15 3.89 -14.16
CA ASN F 39 15.79 3.39 -14.10
C ASN F 39 15.40 2.90 -15.50
N THR F 40 15.22 1.58 -15.64
CA THR F 40 14.71 0.99 -16.89
C THR F 40 13.29 0.58 -16.67
N MET F 41 12.36 1.38 -17.16
CA MET F 41 10.93 1.06 -17.10
C MET F 41 10.48 0.54 -15.71
N GLY F 42 10.93 1.22 -14.65
CA GLY F 42 10.50 0.87 -13.29
C GLY F 42 11.40 -0.12 -12.57
N MET F 43 12.54 -0.46 -13.15
CA MET F 43 13.55 -1.25 -12.44
C MET F 43 14.74 -0.37 -12.20
N LEU F 44 15.11 -0.22 -10.91
CA LEU F 44 16.20 0.64 -10.48
C LEU F 44 17.49 -0.15 -10.36
N THR F 45 18.53 0.19 -11.13
CA THR F 45 19.86 -0.39 -10.91
C THR F 45 20.80 0.68 -10.35
N THR F 46 21.55 0.32 -9.31
CA THR F 46 22.46 1.22 -8.59
C THR F 46 23.85 0.66 -8.62
N SER F 47 24.78 1.43 -9.17
CA SER F 47 26.20 1.16 -9.08
C SER F 47 26.84 2.17 -8.09
N LEU F 48 27.55 1.65 -7.08
CA LEU F 48 28.13 2.46 -6.04
C LEU F 48 29.58 2.07 -5.78
N TYR F 49 30.46 3.08 -5.82
CA TYR F 49 31.83 2.93 -5.36
C TYR F 49 31.93 3.77 -4.11
N VAL F 50 32.68 3.27 -3.13
CA VAL F 50 32.97 3.96 -1.88
C VAL F 50 34.47 3.89 -1.63
N LYS F 51 35.05 5.00 -1.18
CA LYS F 51 36.44 4.99 -0.77
C LYS F 51 36.62 5.74 0.55
N VAL F 52 37.38 5.18 1.46
CA VAL F 52 37.66 5.82 2.73
C VAL F 52 39.18 5.95 2.85
N ASP F 53 39.61 7.15 3.26
CA ASP F 53 41.01 7.52 3.46
C ASP F 53 41.15 7.99 4.91
N THR F 54 42.02 7.33 5.66
CA THR F 54 42.16 7.66 7.10
C THR F 54 42.60 9.14 7.35
N THR F 55 43.35 9.70 6.40
CA THR F 55 43.76 11.12 6.46
C THR F 55 42.61 12.14 6.26
N THR F 56 41.51 11.73 5.64
CA THR F 56 40.39 12.66 5.40
C THR F 56 39.04 12.28 6.05
N MET F 57 38.97 11.12 6.71
CA MET F 57 37.70 10.60 7.21
C MET F 57 37.24 11.25 8.51
N GLY F 58 38.18 11.88 9.22
CA GLY F 58 37.87 12.58 10.41
C GLY F 58 38.38 11.85 11.61
N THR F 59 38.15 12.45 12.78
CA THR F 59 38.70 11.94 14.04
C THR F 59 38.10 10.59 14.36
N ARG F 60 38.95 9.62 14.66
CA ARG F 60 38.50 8.32 15.06
C ARG F 60 38.80 8.20 16.56
N PRO F 61 37.74 8.28 17.39
CA PRO F 61 37.96 8.20 18.84
C PRO F 61 38.58 6.88 19.30
N THR F 62 39.37 6.96 20.36
CA THR F 62 40.10 5.82 20.88
C THR F 62 39.20 4.94 21.77
N GLY F 63 39.67 3.73 22.06
CA GLY F 63 38.98 2.80 22.96
C GLY F 63 38.42 1.68 22.10
N ALA F 64 38.60 0.44 22.54
CA ALA F 64 38.07 -0.74 21.83
C ALA F 64 36.58 -0.58 21.44
N VAL F 65 35.78 0.02 22.32
CA VAL F 65 34.34 0.29 22.06
C VAL F 65 34.11 1.03 20.70
N ASN F 66 35.08 1.86 20.29
CA ASN F 66 35.05 2.56 19.00
C ASN F 66 35.90 1.87 17.93
N GLU F 67 37.12 1.47 18.31
CA GLU F 67 38.13 0.95 17.38
C GLU F 67 37.82 -0.42 16.78
N ASN F 68 36.98 -1.21 17.44
CA ASN F 68 36.73 -2.56 16.96
C ASN F 68 35.55 -2.70 16.00
N ALA F 69 34.88 -1.58 15.69
CA ALA F 69 33.77 -1.64 14.69
C ALA F 69 34.26 -2.15 13.34
N ARG F 70 33.52 -3.09 12.76
CA ARG F 70 33.77 -3.62 11.43
C ARG F 70 32.72 -3.23 10.38
N TYR F 71 31.56 -2.76 10.82
CA TYR F 71 30.43 -2.41 9.92
C TYR F 71 30.24 -0.89 9.75
N PHE F 72 29.87 -0.46 8.54
CA PHE F 72 29.37 0.90 8.36
C PHE F 72 28.27 0.99 7.36
N THR F 73 27.42 2.02 7.50
CA THR F 73 26.27 2.18 6.61
C THR F 73 26.43 3.44 5.74
N VAL F 74 26.05 3.26 4.48
CA VAL F 74 25.92 4.32 3.47
C VAL F 74 24.49 4.32 2.98
N TRP F 75 23.86 5.49 3.03
CA TRP F 75 22.50 5.66 2.57
C TRP F 75 22.48 6.28 1.17
N VAL F 76 21.88 5.56 0.22
CA VAL F 76 21.63 6.12 -1.09
C VAL F 76 20.20 6.69 -1.08
N SER F 77 20.09 7.96 -1.44
CA SER F 77 18.83 8.67 -1.42
C SER F 77 18.53 9.37 -2.75
N SER F 78 17.22 9.56 -2.99
CA SER F 78 16.75 10.34 -4.13
C SER F 78 16.09 11.63 -3.68
N PHE F 79 16.09 11.87 -2.37
CA PHE F 79 15.42 13.02 -1.78
C PHE F 79 16.53 13.87 -1.15
N LEU F 80 17.25 14.58 -1.99
CA LEU F 80 18.55 15.08 -1.60
C LEU F 80 18.50 16.26 -0.60
N THR F 81 17.38 16.96 -0.53
CA THR F 81 17.25 18.04 0.45
C THR F 81 16.43 17.66 1.66
N GLN F 82 15.51 16.71 1.52
CA GLN F 82 14.58 16.38 2.62
C GLN F 82 14.93 15.15 3.45
N CYS F 83 15.60 14.18 2.85
CA CYS F 83 15.91 12.93 3.53
C CYS F 83 17.13 12.28 2.89
N ASN F 84 18.31 12.65 3.39
CA ASN F 84 19.58 12.34 2.75
C ASN F 84 20.71 12.17 3.79
N PRO F 85 20.58 11.14 4.67
CA PRO F 85 21.51 10.93 5.80
C PRO F 85 23.01 10.90 5.50
N SER F 86 23.41 10.42 4.32
CA SER F 86 24.83 10.33 3.93
C SER F 86 25.29 11.47 3.04
N ASN F 87 24.41 12.43 2.80
CA ASN F 87 24.74 13.63 2.04
C ASN F 87 25.16 13.33 0.58
N ILE F 88 24.35 12.54 -0.14
CA ILE F 88 24.57 12.34 -1.57
C ILE F 88 24.37 13.70 -2.26
N GLY F 89 25.36 14.11 -3.04
CA GLY F 89 25.34 15.42 -3.67
C GLY F 89 24.44 15.53 -4.88
N GLN F 90 24.06 16.76 -5.20
CA GLN F 90 23.33 16.99 -6.45
C GLN F 90 24.25 16.48 -7.56
N GLY F 91 23.65 15.95 -8.60
CA GLY F 91 24.45 15.35 -9.65
C GLY F 91 23.92 15.71 -10.99
N THR F 92 23.94 14.74 -11.90
CA THR F 92 23.60 14.96 -13.29
C THR F 92 22.54 13.97 -13.70
N LEU F 93 21.45 14.50 -14.27
CA LEU F 93 20.32 13.73 -14.77
C LEU F 93 20.34 13.61 -16.29
N GLU F 94 20.08 12.40 -16.78
CA GLU F 94 19.84 12.17 -18.20
C GLU F 94 18.53 11.43 -18.42
N PRO F 95 17.65 11.96 -19.28
CA PRO F 95 17.73 13.29 -19.89
C PRO F 95 17.64 14.36 -18.82
N SER F 96 18.11 15.56 -19.16
CA SER F 96 18.29 16.61 -18.17
C SER F 96 16.99 17.12 -17.57
N ASN F 97 15.85 16.83 -18.20
CA ASN F 97 14.55 17.23 -17.64
C ASN F 97 13.82 16.10 -16.88
N ILE F 98 14.52 15.02 -16.60
CA ILE F 98 13.91 13.91 -15.87
C ILE F 98 13.88 14.23 -14.36
N SER F 99 12.79 13.86 -13.70
CA SER F 99 12.60 14.07 -12.26
C SER F 99 13.48 13.10 -11.42
N MET F 100 14.01 13.60 -10.31
CA MET F 100 14.69 12.78 -9.30
C MET F 100 13.81 11.68 -8.71
N THR F 101 12.50 11.86 -8.81
CA THR F 101 11.53 10.87 -8.40
C THR F 101 11.58 9.60 -9.24
N SER F 102 12.31 9.65 -10.36
CA SER F 102 12.57 8.48 -11.18
C SER F 102 13.59 7.53 -10.55
N PHE F 103 14.31 7.98 -9.52
CA PHE F 103 15.30 7.16 -8.82
C PHE F 103 14.88 6.73 -7.41
N GLU F 104 13.64 7.03 -7.05
CA GLU F 104 13.06 6.58 -5.82
C GLU F 104 12.78 5.07 -5.90
N PRO F 105 13.28 4.30 -4.91
CA PRO F 105 12.97 2.89 -4.88
C PRO F 105 11.53 2.68 -4.41
N ALA F 106 10.87 1.65 -4.92
CA ALA F 106 9.50 1.32 -4.48
C ALA F 106 9.55 0.98 -3.00
N ARG F 107 8.46 1.23 -2.31
CA ARG F 107 8.32 0.75 -0.95
C ARG F 107 8.63 -0.77 -0.90
N ASN F 108 9.41 -1.15 0.10
CA ASN F 108 9.79 -2.55 0.34
C ASN F 108 8.66 -3.28 1.07
N PRO F 109 7.98 -4.20 0.38
CA PRO F 109 6.81 -4.83 0.95
C PRO F 109 7.11 -5.90 2.03
N ILE F 110 8.37 -6.22 2.27
CA ILE F 110 8.71 -7.08 3.40
C ILE F 110 8.77 -6.29 4.70
N SER F 111 8.71 -4.95 4.63
CA SER F 111 8.51 -4.07 5.78
C SER F 111 9.57 -4.18 6.83
N PRO F 112 10.81 -3.82 6.49
CA PRO F 112 11.85 -3.89 7.50
C PRO F 112 11.72 -2.70 8.50
N PRO F 113 12.48 -2.75 9.60
CA PRO F 113 12.39 -1.73 10.62
C PRO F 113 12.64 -0.32 10.09
N VAL F 114 11.78 0.62 10.50
CA VAL F 114 12.05 2.01 10.14
C VAL F 114 13.28 2.60 10.81
N PHE F 115 13.99 3.44 10.04
CA PHE F 115 15.03 4.29 10.56
C PHE F 115 14.49 5.69 10.85
N ASN F 116 14.43 6.06 12.12
CA ASN F 116 13.85 7.34 12.50
C ASN F 116 14.99 8.34 12.73
N MET F 117 15.14 9.29 11.81
CA MET F 117 16.18 10.30 11.88
C MET F 117 15.97 11.34 12.98
N ASN F 118 14.81 11.35 13.61
CA ASN F 118 14.52 12.32 14.69
C ASN F 118 15.11 11.88 16.05
N GLN F 119 15.28 10.57 16.24
CA GLN F 119 15.99 10.08 17.43
C GLN F 119 17.50 10.15 17.23
N ASN F 120 18.29 9.85 18.25
CA ASN F 120 19.71 10.23 18.25
C ASN F 120 20.75 9.13 17.90
N ILE F 121 20.33 7.88 17.67
CA ILE F 121 21.26 6.81 17.24
C ILE F 121 21.50 6.94 15.73
N PRO F 122 22.74 7.24 15.31
CA PRO F 122 23.00 7.48 13.87
C PRO F 122 23.21 6.25 12.98
N TYR F 123 23.61 5.12 13.58
CA TYR F 123 23.88 3.89 12.85
C TYR F 123 22.65 3.04 12.76
N TYR F 124 22.34 2.66 11.52
CA TYR F 124 21.29 1.72 11.17
C TYR F 124 21.94 0.58 10.45
N ALA F 125 21.66 -0.65 10.91
CA ALA F 125 22.19 -1.87 10.27
C ALA F 125 21.27 -2.39 9.21
N SER F 126 21.70 -2.37 7.96
CA SER F 126 20.94 -3.02 6.90
C SER F 126 20.98 -4.53 7.18
N ARG F 127 19.83 -5.18 7.16
CA ARG F 127 19.71 -6.60 7.49
C ARG F 127 18.97 -7.45 6.48
N PHE F 128 17.92 -6.93 5.86
CA PHE F 128 16.97 -7.79 5.14
C PHE F 128 17.00 -7.54 3.63
N GLY F 129 17.57 -8.49 2.93
CA GLY F 129 17.74 -8.47 1.49
C GLY F 129 18.98 -9.21 1.13
N VAL F 130 19.50 -8.93 -0.07
CA VAL F 130 20.63 -9.62 -0.60
C VAL F 130 21.92 -9.25 0.14
N LEU F 131 22.81 -10.24 0.24
CA LEU F 131 24.17 -10.03 0.70
C LEU F 131 25.14 -10.40 -0.43
N GLU F 132 26.00 -9.46 -0.79
CA GLU F 132 26.96 -9.68 -1.90
C GLU F 132 28.37 -9.54 -1.39
N SER F 133 29.27 -10.37 -1.92
CA SER F 133 30.65 -10.44 -1.44
C SER F 133 31.62 -9.73 -2.38
N TYR F 134 32.41 -8.83 -1.81
CA TYR F 134 33.41 -8.05 -2.56
C TYR F 134 34.73 -8.20 -1.89
N ARG F 135 35.80 -8.12 -2.68
CA ARG F 135 37.11 -7.84 -2.13
C ARG F 135 37.52 -6.42 -2.59
N PRO F 136 37.82 -5.53 -1.64
CA PRO F 136 38.28 -4.16 -1.93
C PRO F 136 39.79 -4.06 -2.13
N ILE F 137 40.29 -2.88 -2.51
CA ILE F 137 41.73 -2.57 -2.64
C ILE F 137 42.22 -1.66 -1.49
N PHE F 138 43.35 -2.00 -0.89
CA PHE F 138 43.99 -1.20 0.18
C PHE F 138 45.25 -0.51 -0.23
N THR F 139 45.55 0.55 0.52
CA THR F 139 46.87 1.14 0.55
C THR F 139 47.16 1.41 2.01
N GLY F 140 48.43 1.38 2.37
CA GLY F 140 48.87 1.63 3.75
C GLY F 140 48.85 0.39 4.58
N SER F 141 48.77 0.57 5.90
CA SER F 141 48.68 -0.59 6.80
C SER F 141 47.25 -1.15 6.90
N LEU F 142 46.26 -0.37 6.43
CA LEU F 142 44.83 -0.72 6.52
C LEU F 142 44.55 -2.02 5.76
N ASN F 143 43.95 -2.98 6.47
CA ASN F 143 43.47 -4.22 5.91
C ASN F 143 42.14 -4.64 6.60
N THR F 144 41.06 -4.54 5.84
CA THR F 144 39.71 -4.78 6.32
C THR F 144 39.31 -6.21 6.00
N GLY F 145 40.18 -6.89 5.26
CA GLY F 145 39.84 -8.12 4.57
C GLY F 145 38.75 -7.88 3.53
N SER F 146 38.15 -8.98 3.07
CA SER F 146 36.93 -8.90 2.30
C SER F 146 35.75 -8.20 3.01
N ILE F 147 34.83 -7.71 2.19
CA ILE F 147 33.69 -6.93 2.67
C ILE F 147 32.39 -7.44 2.05
N ASP F 148 31.44 -7.86 2.89
CA ASP F 148 30.11 -8.20 2.36
C ASP F 148 29.22 -6.95 2.48
N VAL F 149 28.31 -6.81 1.54
CA VAL F 149 27.40 -5.67 1.51
C VAL F 149 25.97 -6.17 1.53
N ARG F 150 25.26 -5.78 2.59
CA ARG F 150 23.85 -6.03 2.72
C ARG F 150 23.07 -4.82 2.16
N MET F 151 22.11 -5.09 1.31
CA MET F 151 21.37 -4.04 0.58
C MET F 151 19.88 -4.12 0.88
N GLN F 152 19.31 -3.04 1.41
CA GLN F 152 17.92 -3.08 1.89
C GLN F 152 17.21 -1.77 1.64
N VAL F 153 16.14 -1.77 0.83
CA VAL F 153 15.28 -0.60 0.73
C VAL F 153 14.53 -0.50 2.04
N THR F 154 14.51 0.72 2.59
CA THR F 154 14.12 0.95 3.97
C THR F 154 13.27 2.23 4.09
N PRO F 155 12.20 2.20 4.89
CA PRO F 155 11.50 3.44 5.24
C PRO F 155 12.26 4.25 6.28
N VAL F 156 12.46 5.52 5.98
CA VAL F 156 13.25 6.42 6.79
C VAL F 156 12.33 7.59 7.16
N LEU F 157 12.16 7.80 8.45
CA LEU F 157 11.41 8.94 8.97
C LEU F 157 12.34 10.15 9.08
N ALA F 158 12.10 11.10 8.18
CA ALA F 158 12.90 12.31 8.09
C ALA F 158 12.55 13.29 9.21
N THR F 159 13.39 14.31 9.35
CA THR F 159 13.14 15.32 10.38
C THR F 159 11.91 16.22 10.11
N ASN F 160 11.42 16.22 8.87
CA ASN F 160 10.15 16.86 8.55
C ASN F 160 8.92 15.94 8.83
N ASN F 161 9.18 14.77 9.44
CA ASN F 161 8.16 13.80 9.83
C ASN F 161 7.43 13.07 8.70
N THR F 162 7.95 13.22 7.48
CA THR F 162 7.58 12.40 6.35
C THR F 162 8.55 11.20 6.21
N THR F 163 7.96 10.05 5.87
CA THR F 163 8.69 8.83 5.65
C THR F 163 9.02 8.73 4.14
N TYR F 164 10.30 8.45 3.87
CA TYR F 164 10.78 8.28 2.51
C TYR F 164 11.47 6.93 2.40
N ASN F 165 11.37 6.32 1.23
CA ASN F 165 12.08 5.08 0.95
C ASN F 165 13.47 5.35 0.39
N LEU F 166 14.49 4.82 1.04
CA LEU F 166 15.87 4.98 0.66
C LEU F 166 16.51 3.59 0.61
N ILE F 167 17.76 3.52 0.18
CA ILE F 167 18.52 2.26 0.12
C ILE F 167 19.69 2.33 1.08
N ALA F 168 19.66 1.41 2.04
CA ALA F 168 20.69 1.24 3.04
C ALA F 168 21.68 0.13 2.61
N PHE F 169 22.95 0.52 2.52
CA PHE F 169 24.07 -0.34 2.20
C PHE F 169 24.88 -0.42 3.48
N THR F 170 24.99 -1.61 4.05
CA THR F 170 25.86 -1.82 5.19
C THR F 170 27.03 -2.71 4.74
N PHE F 171 28.21 -2.14 4.90
CA PHE F 171 29.46 -2.73 4.51
C PHE F 171 30.02 -3.44 5.76
N GLN F 172 30.25 -4.75 5.62
CA GLN F 172 30.60 -5.62 6.74
C GLN F 172 32.03 -6.11 6.49
N CYS F 173 32.99 -5.48 7.16
CA CYS F 173 34.39 -5.85 6.98
C CYS F 173 34.71 -7.13 7.77
N ALA F 174 35.56 -7.96 7.19
CA ALA F 174 36.03 -9.20 7.82
C ALA F 174 36.88 -8.88 9.03
N SER F 175 37.79 -7.90 8.91
CA SER F 175 38.66 -7.50 10.01
C SER F 175 38.46 -6.05 10.43
N ALA F 176 38.71 -5.78 11.71
CA ALA F 176 38.80 -4.42 12.19
C ALA F 176 40.06 -3.74 11.72
N GLY F 177 40.05 -2.42 11.81
CA GLY F 177 41.20 -1.62 11.45
C GLY F 177 40.79 -0.25 10.95
N LEU F 178 39.72 -0.21 10.17
CA LEU F 178 39.26 1.06 9.60
C LEU F 178 39.05 2.14 10.66
N PHE F 179 38.60 1.76 11.84
CA PHE F 179 38.21 2.79 12.85
C PHE F 179 39.18 2.86 14.07
N ASN F 180 40.32 2.21 13.89
CA ASN F 180 41.43 2.23 14.83
C ASN F 180 42.35 3.36 14.39
N PRO F 181 42.47 4.44 15.20
CA PRO F 181 43.29 5.60 14.82
C PRO F 181 44.80 5.38 14.62
N THR F 182 45.30 4.19 14.92
CA THR F 182 46.70 3.88 14.69
C THR F 182 46.92 3.16 13.37
N VAL F 183 45.84 2.85 12.66
CA VAL F 183 45.89 2.23 11.34
C VAL F 183 45.64 3.31 10.30
N ASN F 184 46.51 3.37 9.29
CA ASN F 184 46.43 4.39 8.27
C ASN F 184 46.37 3.76 6.88
N GLY F 185 45.73 4.45 5.96
CA GLY F 185 45.63 3.96 4.60
C GLY F 185 44.34 4.35 3.93
N THR F 186 44.00 3.61 2.88
CA THR F 186 42.76 3.81 2.14
C THR F 186 42.15 2.43 1.88
N VAL F 187 40.83 2.41 1.66
CA VAL F 187 40.12 1.23 1.16
C VAL F 187 39.11 1.72 0.16
N ALA F 188 39.07 1.03 -0.98
CA ALA F 188 38.18 1.36 -2.06
C ALA F 188 37.45 0.09 -2.47
N ILE F 189 36.13 0.17 -2.62
CA ILE F 189 35.26 -0.99 -2.89
C ILE F 189 34.32 -0.64 -4.03
N GLY F 190 34.14 -1.62 -4.91
CA GLY F 190 33.10 -1.58 -5.89
C GLY F 190 33.59 -2.13 -7.22
N PRO F 191 32.75 -2.01 -8.24
CA PRO F 191 31.41 -1.43 -8.17
C PRO F 191 30.43 -2.37 -7.44
N VAL F 192 29.73 -1.82 -6.45
CA VAL F 192 28.67 -2.52 -5.72
C VAL F 192 27.37 -2.26 -6.44
N VAL F 193 26.82 -3.30 -7.08
CA VAL F 193 25.62 -3.15 -7.86
C VAL F 193 24.39 -3.80 -7.18
N HIS F 194 23.32 -3.03 -7.13
CA HIS F 194 22.08 -3.38 -6.51
C HIS F 194 20.96 -3.17 -7.49
N THR F 195 20.03 -4.11 -7.56
CA THR F 195 18.80 -3.91 -8.33
C THR F 195 17.61 -4.10 -7.43
N CYS F 196 16.63 -3.21 -7.61
CA CYS F 196 15.37 -3.32 -6.92
C CYS F 196 14.32 -2.62 -7.78
N PRO F 197 13.03 -2.89 -7.52
CA PRO F 197 11.98 -2.11 -8.19
C PRO F 197 11.96 -0.62 -7.82
N ALA F 198 11.74 0.23 -8.84
CA ALA F 198 11.57 1.69 -8.63
C ALA F 198 10.12 1.97 -8.32
N ALA F 199 9.85 3.08 -7.65
CA ALA F 199 8.50 3.51 -7.37
C ALA F 199 7.71 3.75 -8.67
N ARG F 200 8.39 4.09 -9.74
CA ARG F 200 7.68 4.42 -10.99
C ARG F 200 8.67 4.33 -12.13
N ALA F 201 8.11 4.26 -13.34
CA ALA F 201 8.88 4.43 -14.57
C ALA F 201 9.37 5.89 -14.65
N PRO F 202 10.43 6.16 -15.46
CA PRO F 202 10.89 7.56 -15.51
C PRO F 202 9.80 8.57 -15.90
N VAL F 203 9.87 9.75 -15.26
CA VAL F 203 8.95 10.86 -15.44
C VAL F 203 9.75 12.15 -15.48
N THR F 204 9.32 13.07 -16.34
CA THR F 204 9.98 14.38 -16.47
C THR F 204 9.45 15.35 -15.42
N VAL F 205 10.28 16.30 -15.01
CA VAL F 205 9.86 17.31 -14.03
C VAL F 205 8.60 18.09 -14.48
#